data_6OUX
#
_entry.id   6OUX
#
_cell.length_a   141.530
_cell.length_b   90.627
_cell.length_c   70.867
_cell.angle_alpha   90.00
_cell.angle_beta   109.96
_cell.angle_gamma   90.00
#
_symmetry.space_group_name_H-M   'C 1 2 1'
#
loop_
_entity.id
_entity.type
_entity.pdbx_description
1 polymer 'Threonine phosphate decarboxylase-like enzyme'
2 water water
#
_entity_poly.entity_id   1
_entity_poly.type   'polypeptide(L)'
_entity_poly.pdbx_seq_one_letter_code
;ASVDTMNARNTQFTKAFHALKQNAGSHSPSMEDLKKMFPTLEIKIDACYLSNPYASELVLDYIDRELIQTNAYKKVLTHY
PSQQRSLQKVMAESLHVKPENIFIGNGATEIIQMLLQQEEVQKVALMIPTFSSYYEFVGKGCEVVYFPLNERDDYSFDAD
KYCQFIENEQPDTVVLINPNNPNGAYLSLEKMHILLKRLAFVPRIIIDESFIHFAYEDEALTCLSSTVLFDMYPNVIIVK
SLSKDFGIAGVRLGYALMDSRKIDALLEHGFLWNINGIGEYCLRLFVREDFLKRYEEARKQYIKEMCRFKEALLGIENVY
VYPSMANFVMLKLPSRIKASFVISALLVEYGIYVRTMADKIGVEGECIRIAGRTREENNCIVMALKSILKDSK
;
_entity_poly.pdbx_strand_id   A,B
#
# COMPACT_ATOMS: atom_id res chain seq x y z
N ALA A 1 19.10 47.10 14.17
CA ALA A 1 20.49 47.05 14.72
C ALA A 1 20.55 46.14 15.96
N SER A 2 19.62 46.20 16.94
CA SER A 2 19.77 45.36 18.17
C SER A 2 19.69 43.87 17.82
N VAL A 3 20.26 43.04 18.69
CA VAL A 3 20.21 41.58 18.50
C VAL A 3 18.73 41.10 18.34
N ASP A 4 17.81 41.66 19.16
CA ASP A 4 16.35 41.28 19.13
C ASP A 4 15.71 41.67 17.77
N THR A 5 16.05 42.85 17.26
CA THR A 5 15.55 43.29 15.94
C THR A 5 16.07 42.37 14.84
N MET A 6 17.37 42.03 14.90
CA MET A 6 18.02 41.14 13.94
C MET A 6 17.29 39.79 13.97
N ASN A 7 16.91 39.37 15.16
CA ASN A 7 16.15 38.12 15.30
C ASN A 7 14.70 38.11 14.80
N ALA A 8 14.16 39.27 14.42
CA ALA A 8 12.82 39.31 13.81
C ALA A 8 12.90 39.36 12.26
N ARG A 9 14.13 39.28 11.72
CA ARG A 9 14.44 39.27 10.28
C ARG A 9 13.48 38.46 9.38
N ASN A 10 13.09 37.28 9.82
CA ASN A 10 12.35 36.34 8.95
C ASN A 10 10.87 36.25 9.26
N THR A 11 10.36 37.25 9.98
CA THR A 11 9.04 37.23 10.53
C THR A 11 7.98 36.99 9.43
N GLN A 12 8.13 37.70 8.32
CA GLN A 12 7.18 37.61 7.19
C GLN A 12 7.14 36.17 6.70
N PHE A 13 8.31 35.62 6.47
CA PHE A 13 8.41 34.21 6.12
C PHE A 13 7.78 33.29 7.20
N THR A 14 8.21 33.48 8.43
CA THR A 14 7.66 32.64 9.54
C THR A 14 6.16 32.66 9.62
N LYS A 15 5.57 33.85 9.49
CA LYS A 15 4.12 33.93 9.56
C LYS A 15 3.45 33.19 8.42
N ALA A 16 3.95 33.38 7.19
CA ALA A 16 3.37 32.68 6.02
C ALA A 16 3.57 31.17 6.20
N PHE A 17 4.76 30.80 6.66
CA PHE A 17 5.09 29.37 6.85
C PHE A 17 4.09 28.64 7.82
N HIS A 18 3.80 29.26 8.97
CA HIS A 18 2.69 28.84 9.84
C HIS A 18 1.28 28.83 9.24
N ALA A 19 0.93 29.79 8.41
CA ALA A 19 -0.39 29.76 7.75
C ALA A 19 -0.66 28.41 7.05
N LEU A 20 0.40 27.75 6.58
CA LEU A 20 0.27 26.50 5.81
C LEU A 20 -0.36 25.33 6.60
N LYS A 21 -1.08 24.47 5.86
CA LYS A 21 -1.56 23.19 6.40
C LYS A 21 -0.44 22.47 7.20
N GLN A 22 -0.75 22.19 8.46
CA GLN A 22 -0.01 21.22 9.29
C GLN A 22 -0.51 19.77 9.15
N ASN A 23 0.37 18.80 9.45
CA ASN A 23 0.00 17.41 9.59
C ASN A 23 0.91 16.70 10.59
N ALA A 24 0.53 15.51 10.92
CA ALA A 24 1.14 14.77 12.02
C ALA A 24 2.42 13.99 11.63
N GLY A 25 2.69 13.92 10.32
CA GLY A 25 3.84 13.20 9.79
C GLY A 25 5.11 14.04 9.83
N SER A 26 6.11 13.54 9.13
CA SER A 26 7.48 14.02 9.18
C SER A 26 7.66 15.44 8.61
N HIS A 27 6.96 15.76 7.52
CA HIS A 27 7.00 17.14 6.97
C HIS A 27 5.73 17.91 7.28
N SER A 28 5.79 18.73 8.32
CA SER A 28 4.70 19.65 8.64
C SER A 28 5.26 21.07 8.77
N PRO A 29 4.91 21.93 7.84
CA PRO A 29 4.07 21.67 6.64
C PRO A 29 4.70 20.75 5.57
N SER A 30 3.87 20.32 4.63
CA SER A 30 4.29 19.37 3.61
C SER A 30 5.24 20.05 2.71
N MET A 31 6.14 19.28 2.12
CA MET A 31 7.07 19.79 1.10
C MET A 31 6.40 20.33 -0.16
N GLU A 32 5.31 19.74 -0.57
CA GLU A 32 4.55 20.19 -1.74
C GLU A 32 3.96 21.58 -1.45
N ASP A 33 3.56 21.82 -0.20
CA ASP A 33 3.00 23.11 0.26
C ASP A 33 3.98 24.29 0.35
N LEU A 34 5.25 23.99 0.66
CA LEU A 34 6.32 24.98 0.73
C LEU A 34 6.78 25.43 -0.65
N LYS A 35 6.86 24.49 -1.59
CA LYS A 35 7.18 24.80 -2.99
C LYS A 35 6.18 25.79 -3.58
N LYS A 36 4.89 25.62 -3.32
CA LYS A 36 3.93 26.60 -3.88
C LYS A 36 3.98 27.93 -3.12
N MET A 37 3.95 27.91 -1.79
CA MET A 37 4.10 29.15 -1.00
C MET A 37 5.47 29.83 -1.20
N PHE A 38 6.55 29.07 -1.27
CA PHE A 38 7.86 29.70 -1.41
C PHE A 38 8.59 29.12 -2.60
N PRO A 39 8.19 29.55 -3.81
CA PRO A 39 8.67 28.82 -5.00
C PRO A 39 10.14 29.00 -5.28
N THR A 40 10.71 30.10 -4.85
CA THR A 40 12.14 30.29 -4.92
C THR A 40 12.94 29.59 -3.79
N LEU A 41 12.27 28.98 -2.79
CA LEU A 41 12.94 28.35 -1.62
C LEU A 41 13.61 27.05 -2.01
N GLU A 42 14.91 26.97 -1.94
CA GLU A 42 15.56 25.69 -2.27
C GLU A 42 15.90 24.91 -1.01
N ILE A 43 15.35 23.71 -0.92
CA ILE A 43 15.68 22.85 0.20
C ILE A 43 16.94 22.08 -0.17
N LYS A 44 18.05 22.31 0.52
CA LYS A 44 19.29 21.57 0.21
C LYS A 44 19.51 20.30 1.08
N ILE A 45 19.08 20.37 2.36
CA ILE A 45 19.19 19.24 3.28
C ILE A 45 17.83 19.05 3.91
N ASP A 46 17.21 17.89 3.68
CA ASP A 46 15.97 17.59 4.35
C ASP A 46 16.34 16.72 5.52
N ALA A 47 16.29 17.28 6.71
CA ALA A 47 16.49 16.43 7.91
C ALA A 47 15.21 16.18 8.73
N CYS A 48 14.07 16.09 8.06
CA CYS A 48 12.81 15.74 8.69
C CYS A 48 12.49 14.27 8.65
N TYR A 49 12.62 13.66 7.48
CA TYR A 49 12.32 12.24 7.38
C TYR A 49 13.49 11.34 7.79
N LEU A 50 13.13 10.19 8.28
CA LEU A 50 14.04 9.29 8.95
C LEU A 50 14.50 8.22 7.95
N SER A 51 15.79 8.12 7.79
CA SER A 51 16.35 7.23 6.84
C SER A 51 17.77 6.94 7.30
N ASN A 52 18.46 6.06 6.60
CA ASN A 52 19.89 5.94 6.71
C ASN A 52 20.39 6.21 5.25
N PRO A 53 21.01 7.35 5.01
CA PRO A 53 21.40 7.68 3.64
C PRO A 53 22.49 6.73 3.09
N TYR A 54 23.28 6.12 3.96
CA TYR A 54 24.23 5.10 3.51
C TYR A 54 23.55 3.78 3.07
N ALA A 55 22.48 3.37 3.72
CA ALA A 55 21.76 2.22 3.22
C ALA A 55 20.95 2.57 1.97
N SER A 56 20.40 3.76 1.95
CA SER A 56 19.59 4.18 0.84
C SER A 56 20.44 4.15 -0.48
N GLU A 57 21.66 4.69 -0.44
CA GLU A 57 22.62 4.70 -1.57
C GLU A 57 22.95 3.28 -1.95
N LEU A 58 23.15 2.39 -0.97
CA LEU A 58 23.38 0.97 -1.23
C LEU A 58 22.24 0.31 -2.00
N VAL A 59 21.01 0.48 -1.50
CA VAL A 59 19.84 -0.06 -2.18
C VAL A 59 19.66 0.51 -3.57
N LEU A 60 19.80 1.83 -3.76
CA LEU A 60 19.68 2.44 -5.11
C LEU A 60 20.72 1.86 -6.08
N ASP A 61 21.89 1.53 -5.56
CA ASP A 61 22.97 1.00 -6.36
C ASP A 61 22.62 -0.39 -6.83
N TYR A 62 22.04 -1.24 -5.96
CA TYR A 62 21.53 -2.52 -6.38
C TYR A 62 20.41 -2.41 -7.42
N ILE A 63 19.53 -1.42 -7.24
CA ILE A 63 18.48 -1.16 -8.20
C ILE A 63 19.08 -0.78 -9.59
N ASP A 64 20.01 0.16 -9.59
CA ASP A 64 20.62 0.61 -10.79
C ASP A 64 21.26 -0.54 -11.50
N ARG A 65 22.05 -1.32 -10.76
CA ARG A 65 22.86 -2.39 -11.35
C ARG A 65 21.99 -3.57 -11.77
N GLU A 66 21.02 -3.92 -10.96
CA GLU A 66 20.25 -5.14 -11.18
C GLU A 66 18.92 -4.94 -11.93
N LEU A 67 18.37 -3.74 -11.90
CA LEU A 67 17.06 -3.53 -12.54
C LEU A 67 17.11 -2.58 -13.70
N ILE A 68 17.87 -1.52 -13.55
CA ILE A 68 17.81 -0.47 -14.53
C ILE A 68 18.69 -0.81 -15.70
N GLN A 69 19.98 -1.07 -15.45
CA GLN A 69 20.93 -1.34 -16.55
C GLN A 69 20.69 -2.67 -17.26
N THR A 70 20.03 -3.60 -16.61
CA THR A 70 19.71 -4.86 -17.25
C THR A 70 18.31 -4.87 -17.91
N ASN A 71 17.50 -3.84 -17.73
CA ASN A 71 16.08 -3.90 -18.15
C ASN A 71 15.17 -4.90 -17.34
N ALA A 72 15.62 -5.41 -16.20
CA ALA A 72 14.78 -6.29 -15.38
C ALA A 72 13.64 -5.52 -14.73
N TYR A 73 13.80 -4.19 -14.57
CA TYR A 73 12.69 -3.33 -14.13
C TYR A 73 11.39 -3.55 -14.89
N LYS A 74 11.46 -3.97 -16.17
CA LYS A 74 10.29 -4.16 -17.03
C LYS A 74 9.32 -5.20 -16.46
N LYS A 75 9.87 -6.36 -16.10
CA LYS A 75 9.13 -7.40 -15.46
C LYS A 75 8.68 -7.00 -14.07
N VAL A 76 9.48 -6.26 -13.30
CA VAL A 76 9.04 -5.83 -11.96
C VAL A 76 7.72 -5.00 -12.05
N LEU A 77 7.61 -4.17 -13.09
CA LEU A 77 6.43 -3.29 -13.24
C LEU A 77 5.23 -3.96 -13.90
N THR A 78 5.51 -4.99 -14.67
CA THR A 78 4.59 -5.63 -15.59
C THR A 78 3.92 -6.90 -15.05
N HIS A 79 4.63 -7.67 -14.24
CA HIS A 79 4.12 -8.95 -13.72
C HIS A 79 3.36 -8.80 -12.43
N TYR A 80 2.40 -9.69 -12.17
CA TYR A 80 1.69 -9.70 -10.89
C TYR A 80 2.69 -10.06 -9.77
N PRO A 81 2.64 -9.33 -8.66
CA PRO A 81 3.61 -9.60 -7.63
C PRO A 81 3.16 -10.77 -6.76
N SER A 82 4.11 -11.36 -6.04
CA SER A 82 3.84 -12.49 -5.16
C SER A 82 2.90 -12.13 -4.06
N GLN A 83 2.16 -13.14 -3.59
CA GLN A 83 1.15 -13.00 -2.59
C GLN A 83 1.76 -13.19 -1.20
N GLN A 84 0.97 -12.86 -0.18
CA GLN A 84 1.40 -12.83 1.21
C GLN A 84 2.17 -14.08 1.66
N ARG A 85 1.61 -15.28 1.42
CA ARG A 85 2.30 -16.54 1.82
C ARG A 85 3.72 -16.70 1.23
N SER A 86 3.92 -16.21 0.02
CA SER A 86 5.22 -16.37 -0.58
C SER A 86 6.18 -15.37 0.09
N LEU A 87 5.68 -14.19 0.48
CA LEU A 87 6.47 -13.14 1.15
C LEU A 87 6.86 -13.53 2.59
N GLN A 88 5.92 -14.18 3.27
CA GLN A 88 6.20 -14.81 4.55
C GLN A 88 7.41 -15.73 4.50
N LYS A 89 7.42 -16.57 3.46
CA LYS A 89 8.52 -17.49 3.28
C LYS A 89 9.84 -16.79 3.00
N VAL A 90 9.83 -15.68 2.28
CA VAL A 90 11.09 -14.97 2.05
C VAL A 90 11.63 -14.47 3.38
N MET A 91 10.79 -13.83 4.18
CA MET A 91 11.21 -13.25 5.48
C MET A 91 11.65 -14.35 6.50
N ALA A 92 11.05 -15.55 6.45
CA ALA A 92 11.36 -16.61 7.43
C ALA A 92 12.83 -17.04 7.53
N GLU A 93 13.45 -17.19 6.38
CA GLU A 93 14.88 -17.41 6.25
C GLU A 93 15.65 -16.46 7.16
N SER A 94 15.63 -15.17 6.83
CA SER A 94 16.50 -14.22 7.53
C SER A 94 16.03 -13.84 8.92
N LEU A 95 14.73 -13.93 9.20
CA LEU A 95 14.23 -13.66 10.54
C LEU A 95 14.38 -14.83 11.54
N HIS A 96 14.39 -16.08 11.04
CA HIS A 96 14.54 -17.31 11.87
C HIS A 96 13.29 -17.48 12.67
N VAL A 97 12.18 -17.41 11.95
CA VAL A 97 10.90 -17.51 12.56
C VAL A 97 10.02 -18.26 11.59
N LYS A 98 9.06 -18.97 12.13
CA LYS A 98 8.03 -19.62 11.38
C LYS A 98 7.33 -18.64 10.41
N PRO A 99 7.20 -18.98 9.12
CA PRO A 99 6.58 -18.02 8.17
C PRO A 99 5.18 -17.53 8.53
N GLU A 100 4.39 -18.43 9.08
CA GLU A 100 2.99 -18.11 9.41
C GLU A 100 2.89 -17.14 10.62
N ASN A 101 3.99 -16.93 11.34
CA ASN A 101 4.05 -15.88 12.41
C ASN A 101 4.43 -14.45 11.87
N ILE A 102 4.69 -14.31 10.57
CA ILE A 102 5.05 -13.03 9.92
C ILE A 102 3.87 -12.40 9.15
N PHE A 103 3.54 -11.14 9.46
CA PHE A 103 2.60 -10.33 8.73
C PHE A 103 3.39 -9.21 7.99
N ILE A 104 3.17 -9.10 6.70
CA ILE A 104 3.85 -8.10 5.84
C ILE A 104 2.83 -7.04 5.43
N GLY A 105 3.09 -5.76 5.71
CA GLY A 105 2.20 -4.65 5.29
C GLY A 105 3.02 -3.39 4.90
N ASN A 106 2.38 -2.24 4.96
CA ASN A 106 2.93 -0.97 4.51
C ASN A 106 3.93 -0.26 5.40
N GLY A 107 3.86 -0.50 6.68
CA GLY A 107 4.72 0.19 7.62
C GLY A 107 4.34 -0.21 9.01
N ALA A 108 5.19 0.13 9.96
CA ALA A 108 4.96 -0.21 11.34
C ALA A 108 3.69 0.46 11.88
N THR A 109 3.56 1.77 11.68
CA THR A 109 2.41 2.51 12.16
C THR A 109 1.07 2.02 11.52
N GLU A 110 1.05 1.73 10.22
CA GLU A 110 -0.13 1.12 9.57
C GLU A 110 -0.49 -0.24 10.21
N ILE A 111 0.51 -1.07 10.51
CA ILE A 111 0.25 -2.33 11.16
C ILE A 111 -0.33 -2.12 12.57
N ILE A 112 0.22 -1.17 13.34
CA ILE A 112 -0.28 -0.93 14.69
C ILE A 112 -1.70 -0.37 14.69
N GLN A 113 -2.02 0.45 13.71
CA GLN A 113 -3.37 0.94 13.54
C GLN A 113 -4.35 -0.18 13.25
N MET A 114 -3.99 -1.13 12.38
CA MET A 114 -4.79 -2.39 12.15
C MET A 114 -4.96 -3.20 13.44
N LEU A 115 -3.89 -3.38 14.22
CA LEU A 115 -3.99 -4.04 15.50
C LEU A 115 -4.94 -3.36 16.50
N LEU A 116 -4.85 -2.05 16.60
CA LEU A 116 -5.61 -1.34 17.61
C LEU A 116 -7.09 -1.19 17.22
N GLN A 117 -7.42 -1.35 15.95
CA GLN A 117 -8.81 -1.30 15.51
C GLN A 117 -9.61 -2.59 15.79
N GLN A 118 -8.96 -3.63 16.25
CA GLN A 118 -9.66 -4.90 16.39
C GLN A 118 -10.59 -4.77 17.58
N GLU A 119 -11.69 -5.52 17.58
CA GLU A 119 -12.68 -5.37 18.66
C GLU A 119 -12.24 -5.86 20.04
N GLU A 120 -11.29 -6.78 20.11
CA GLU A 120 -10.76 -7.18 21.44
C GLU A 120 -10.08 -6.04 22.15
N VAL A 121 -9.60 -5.04 21.41
CA VAL A 121 -8.86 -3.94 21.98
C VAL A 121 -9.83 -2.92 22.61
N GLN A 122 -9.95 -2.95 23.93
CA GLN A 122 -10.89 -2.11 24.67
C GLN A 122 -10.26 -1.19 25.72
N LYS A 123 -9.03 -1.47 26.13
CA LYS A 123 -8.29 -0.47 26.88
C LYS A 123 -6.86 -0.62 26.45
N VAL A 124 -6.23 0.49 26.07
CA VAL A 124 -4.82 0.51 25.59
C VAL A 124 -3.99 1.55 26.37
N ALA A 125 -2.81 1.15 26.78
CA ALA A 125 -1.84 2.03 27.44
C ALA A 125 -0.78 2.45 26.43
N LEU A 126 -0.69 3.78 26.25
CA LEU A 126 0.36 4.42 25.40
C LEU A 126 1.25 5.27 26.27
N MET A 127 2.48 5.51 25.80
CA MET A 127 3.35 6.47 26.48
C MET A 127 3.20 7.83 25.83
N ILE A 128 3.58 8.85 26.56
CA ILE A 128 3.60 10.21 26.07
C ILE A 128 4.92 10.86 26.55
N PRO A 129 5.64 11.58 25.64
CA PRO A 129 5.35 11.82 24.28
C PRO A 129 5.70 10.72 23.33
N THR A 130 4.95 10.66 22.22
CA THR A 130 5.28 9.76 21.13
C THR A 130 4.96 10.52 19.87
N PHE A 131 5.67 10.22 18.80
CA PHE A 131 5.50 10.94 17.56
C PHE A 131 4.18 10.65 16.86
N SER A 132 3.83 9.38 16.73
CA SER A 132 2.55 8.98 16.13
C SER A 132 1.40 9.00 17.12
N SER A 133 0.24 9.47 16.70
CA SER A 133 -0.95 9.40 17.53
C SER A 133 -1.55 8.06 17.21
N TYR A 134 -1.96 7.37 18.24
CA TYR A 134 -2.57 6.08 18.03
C TYR A 134 -4.06 6.15 18.49
N TYR A 135 -4.43 7.14 19.33
CA TYR A 135 -5.79 7.26 19.85
C TYR A 135 -6.86 7.33 18.74
N GLU A 136 -6.54 7.83 17.53
CA GLU A 136 -7.58 7.90 16.48
C GLU A 136 -7.89 6.54 15.90
N PHE A 137 -7.09 5.53 16.23
CA PHE A 137 -7.33 4.27 15.56
C PHE A 137 -8.04 3.20 16.38
N VAL A 138 -8.26 3.48 17.66
CA VAL A 138 -8.95 2.54 18.53
C VAL A 138 -10.46 2.67 18.25
N GLY A 139 -11.22 1.62 18.55
CA GLY A 139 -12.69 1.64 18.42
C GLY A 139 -13.34 2.62 19.37
N LYS A 140 -14.55 3.05 19.04
CA LYS A 140 -15.21 4.10 19.82
C LYS A 140 -15.48 3.77 21.29
N GLY A 141 -15.75 2.50 21.61
CA GLY A 141 -15.82 2.08 23.01
C GLY A 141 -14.46 2.10 23.76
N CYS A 142 -13.35 2.14 23.05
CA CYS A 142 -12.05 1.80 23.63
C CYS A 142 -11.52 2.95 24.46
N GLU A 143 -11.09 2.64 25.64
CA GLU A 143 -10.37 3.60 26.47
C GLU A 143 -8.86 3.67 26.10
N VAL A 144 -8.29 4.87 26.22
CA VAL A 144 -6.81 5.07 26.09
C VAL A 144 -6.30 5.67 27.42
N VAL A 145 -5.26 5.11 28.00
CA VAL A 145 -4.57 5.66 29.19
C VAL A 145 -3.09 5.95 28.81
N TYR A 146 -2.48 6.96 29.42
CA TYR A 146 -1.17 7.46 28.97
C TYR A 146 -0.25 7.33 30.13
N PHE A 147 0.90 6.73 29.94
CA PHE A 147 2.02 6.82 30.90
C PHE A 147 2.93 8.03 30.50
N PRO A 148 3.13 9.03 31.40
CA PRO A 148 3.93 10.22 31.03
C PRO A 148 5.39 10.00 31.22
N LEU A 149 6.17 10.12 30.16
CA LEU A 149 7.64 10.15 30.30
C LEU A 149 7.98 11.52 30.88
N ASN A 150 8.99 11.60 31.70
CA ASN A 150 9.31 12.89 32.23
C ASN A 150 10.59 13.51 31.61
N GLU A 151 10.42 14.73 31.12
CA GLU A 151 11.51 15.52 30.54
C GLU A 151 12.75 15.60 31.47
N ARG A 152 12.51 15.73 32.77
CA ARG A 152 13.62 15.80 33.76
C ARG A 152 14.48 14.57 33.84
N ASP A 153 13.96 13.38 33.48
CA ASP A 153 14.76 12.18 33.35
C ASP A 153 15.15 11.92 31.89
N ASP A 154 15.29 12.97 31.08
CA ASP A 154 15.63 12.80 29.67
C ASP A 154 14.60 11.92 28.95
N TYR A 155 13.33 11.93 29.44
CA TYR A 155 12.28 11.10 28.86
C TYR A 155 12.59 9.63 28.93
N SER A 156 13.45 9.29 29.90
CA SER A 156 13.88 7.93 30.20
C SER A 156 12.72 7.16 30.73
N PHE A 157 12.57 5.96 30.21
CA PHE A 157 11.47 5.07 30.52
C PHE A 157 11.77 4.36 31.85
N ASP A 158 11.07 4.76 32.90
CA ASP A 158 11.21 4.08 34.19
C ASP A 158 10.32 2.79 34.21
N ALA A 159 10.98 1.64 34.15
CA ALA A 159 10.34 0.34 33.87
C ALA A 159 9.49 -0.19 35.05
N ASP A 160 10.00 -0.03 36.26
CA ASP A 160 9.24 -0.38 37.45
C ASP A 160 7.95 0.41 37.58
N LYS A 161 8.02 1.75 37.36
CA LYS A 161 6.83 2.58 37.52
C LYS A 161 5.84 2.30 36.46
N TYR A 162 6.35 2.06 35.27
CA TYR A 162 5.51 1.70 34.15
C TYR A 162 4.73 0.41 34.46
N CYS A 163 5.43 -0.62 34.93
CA CYS A 163 4.79 -1.88 35.28
C CYS A 163 3.69 -1.69 36.34
N GLN A 164 3.97 -0.90 37.37
CA GLN A 164 2.96 -0.66 38.37
C GLN A 164 1.71 0.06 37.79
N PHE A 165 1.97 1.02 36.91
CA PHE A 165 0.94 1.70 36.17
C PHE A 165 0.09 0.70 35.36
N ILE A 166 0.75 -0.19 34.62
CA ILE A 166 0.06 -1.23 33.87
C ILE A 166 -0.74 -2.20 34.82
N GLU A 167 -0.16 -2.56 35.93
CA GLU A 167 -0.87 -3.41 36.90
C GLU A 167 -2.13 -2.70 37.42
N ASN A 168 -1.99 -1.43 37.80
CA ASN A 168 -3.15 -0.63 38.21
C ASN A 168 -4.25 -0.49 37.16
N GLU A 169 -3.86 -0.21 35.92
CA GLU A 169 -4.83 0.10 34.91
C GLU A 169 -5.45 -1.10 34.24
N GLN A 170 -4.75 -2.23 34.21
CA GLN A 170 -5.23 -3.46 33.52
C GLN A 170 -5.68 -3.24 32.09
N PRO A 171 -4.84 -2.63 31.23
CA PRO A 171 -5.16 -2.54 29.82
C PRO A 171 -5.09 -3.91 29.19
N ASP A 172 -5.87 -4.15 28.15
CA ASP A 172 -5.67 -5.38 27.45
C ASP A 172 -4.50 -5.31 26.43
N THR A 173 -4.12 -4.09 26.03
CA THR A 173 -3.10 -3.88 24.96
C THR A 173 -2.19 -2.75 25.41
N VAL A 174 -0.90 -2.96 25.26
CA VAL A 174 0.09 -1.91 25.48
C VAL A 174 0.91 -1.69 24.18
N VAL A 175 1.29 -0.44 23.92
CA VAL A 175 2.26 -0.08 22.79
C VAL A 175 3.54 0.52 23.36
N LEU A 176 4.69 -0.13 23.09
CA LEU A 176 5.99 0.37 23.45
C LEU A 176 6.75 0.61 22.12
N ILE A 177 7.41 1.73 22.04
CA ILE A 177 8.24 2.08 20.89
C ILE A 177 9.69 2.06 21.40
N ASN A 178 10.55 1.20 20.87
CA ASN A 178 11.87 1.01 21.47
C ASN A 178 12.90 0.76 20.36
N PRO A 179 13.79 1.72 20.07
CA PRO A 179 13.88 3.07 20.64
C PRO A 179 12.66 3.94 20.42
N ASN A 180 12.37 4.87 21.32
CA ASN A 180 11.21 5.82 21.16
C ASN A 180 11.49 6.97 20.09
N ASN A 181 10.45 7.57 19.52
CA ASN A 181 10.38 8.24 18.19
C ASN A 181 10.28 9.75 17.88
N PRO A 182 10.15 10.62 19.01
CA PRO A 182 11.01 11.66 18.68
C PRO A 182 12.23 11.81 19.63
N ASN A 183 12.28 11.28 20.84
CA ASN A 183 13.48 11.49 21.64
C ASN A 183 14.63 10.47 21.43
N GLY A 184 14.31 9.24 21.09
CA GLY A 184 15.30 8.22 20.70
C GLY A 184 15.83 7.32 21.79
N ALA A 185 15.34 7.47 23.02
CA ALA A 185 15.90 6.73 24.10
C ALA A 185 15.50 5.24 23.95
N TYR A 186 16.40 4.37 24.39
CA TYR A 186 16.38 2.93 24.20
C TYR A 186 16.49 2.19 25.55
N LEU A 187 15.59 1.25 25.77
CA LEU A 187 15.60 0.34 26.93
C LEU A 187 16.33 -0.93 26.55
N SER A 188 17.34 -1.30 27.34
CA SER A 188 18.15 -2.52 27.10
C SER A 188 17.34 -3.80 27.01
N LEU A 189 17.92 -4.80 26.35
CA LEU A 189 17.29 -6.11 26.29
C LEU A 189 17.16 -6.64 27.73
N GLU A 190 18.19 -6.43 28.54
CA GLU A 190 18.15 -6.89 29.91
C GLU A 190 16.92 -6.35 30.60
N LYS A 191 16.67 -5.07 30.46
CA LYS A 191 15.51 -4.43 31.15
C LYS A 191 14.16 -4.74 30.50
N MET A 192 14.13 -4.89 29.17
CA MET A 192 12.94 -5.36 28.49
C MET A 192 12.50 -6.74 29.02
N HIS A 193 13.47 -7.66 29.25
CA HIS A 193 13.13 -9.02 29.83
C HIS A 193 12.39 -8.93 31.20
N ILE A 194 12.95 -8.12 32.09
CA ILE A 194 12.33 -7.84 33.40
C ILE A 194 10.92 -7.29 33.28
N LEU A 195 10.75 -6.28 32.44
CA LEU A 195 9.42 -5.70 32.17
C LEU A 195 8.46 -6.76 31.67
N LEU A 196 8.90 -7.51 30.63
CA LEU A 196 7.99 -8.49 29.99
C LEU A 196 7.65 -9.69 30.88
N LYS A 197 8.57 -10.11 31.70
CA LYS A 197 8.23 -11.13 32.68
C LYS A 197 7.08 -10.67 33.61
N ARG A 198 7.22 -9.47 34.15
CA ARG A 198 6.22 -8.87 35.05
C ARG A 198 4.89 -8.59 34.38
N LEU A 199 4.90 -8.29 33.08
CA LEU A 199 3.66 -8.00 32.35
C LEU A 199 3.10 -9.16 31.55
N ALA A 200 3.44 -10.37 31.96
CA ALA A 200 2.92 -11.61 31.35
C ALA A 200 1.43 -11.73 31.31
N PHE A 201 0.75 -11.01 32.21
CA PHE A 201 -0.72 -11.03 32.28
C PHE A 201 -1.40 -10.21 31.20
N VAL A 202 -0.68 -9.27 30.60
CA VAL A 202 -1.30 -8.45 29.56
C VAL A 202 -1.52 -9.30 28.28
N PRO A 203 -2.72 -9.20 27.64
CA PRO A 203 -2.98 -9.93 26.44
C PRO A 203 -2.02 -9.63 25.24
N ARG A 204 -1.73 -8.35 25.01
CA ARG A 204 -0.95 -7.93 23.84
C ARG A 204 0.02 -6.87 24.23
N ILE A 205 1.31 -7.14 24.04
CA ILE A 205 2.34 -6.16 24.25
C ILE A 205 3.01 -5.97 22.88
N ILE A 206 2.68 -4.83 22.27
CA ILE A 206 3.12 -4.45 20.94
C ILE A 206 4.36 -3.66 21.07
N ILE A 207 5.43 -4.11 20.42
CA ILE A 207 6.71 -3.43 20.51
C ILE A 207 7.13 -3.03 19.12
N ASP A 208 7.16 -1.73 18.88
CA ASP A 208 7.66 -1.13 17.64
C ASP A 208 9.18 -0.92 17.74
N GLU A 209 9.92 -1.83 17.10
CA GLU A 209 11.38 -1.70 17.10
C GLU A 209 11.93 -1.11 15.81
N SER A 210 11.18 -0.24 15.20
CA SER A 210 11.53 0.31 13.87
C SER A 210 12.92 0.99 13.84
N PHE A 211 13.34 1.53 14.98
CA PHE A 211 14.69 2.15 15.07
C PHE A 211 15.81 1.35 15.72
N ILE A 212 15.58 0.06 15.98
CA ILE A 212 16.48 -0.70 16.82
C ILE A 212 17.84 -0.99 16.12
N HIS A 213 17.87 -0.92 14.81
CA HIS A 213 19.13 -1.11 14.03
C HIS A 213 20.14 0.03 14.31
N PHE A 214 19.71 1.14 14.87
CA PHE A 214 20.55 2.28 15.26
C PHE A 214 21.06 2.23 16.66
N ALA A 215 20.60 1.28 17.47
CA ALA A 215 21.01 1.18 18.88
C ALA A 215 22.16 0.17 19.03
N TYR A 216 22.84 0.27 20.15
CA TYR A 216 23.92 -0.68 20.39
C TYR A 216 24.07 -0.89 21.87
N GLU A 217 24.40 -2.12 22.24
CA GLU A 217 24.69 -2.50 23.62
C GLU A 217 26.16 -2.86 23.86
N ASP A 218 26.99 -2.94 22.81
CA ASP A 218 28.41 -3.28 22.88
C ASP A 218 29.17 -2.42 21.88
N GLU A 219 30.47 -2.27 22.10
CA GLU A 219 31.28 -1.43 21.22
C GLU A 219 31.45 -1.98 19.81
N ALA A 220 31.36 -3.28 19.66
CA ALA A 220 31.44 -3.91 18.35
C ALA A 220 30.21 -3.56 17.50
N LEU A 221 29.18 -2.93 18.08
CA LEU A 221 27.96 -2.63 17.34
C LEU A 221 27.29 -3.88 16.77
N THR A 222 27.11 -4.86 17.61
CA THR A 222 26.33 -6.07 17.30
C THR A 222 24.87 -5.66 17.00
N CYS A 223 24.32 -6.07 15.86
CA CYS A 223 22.96 -5.67 15.49
C CYS A 223 22.02 -6.27 16.55
N LEU A 224 21.13 -5.46 17.06
CA LEU A 224 20.16 -5.87 18.07
C LEU A 224 18.92 -6.26 17.36
N SER A 225 18.10 -7.05 18.04
CA SER A 225 16.86 -7.54 17.49
C SER A 225 15.91 -7.93 18.62
N SER A 226 14.66 -7.55 18.53
CA SER A 226 13.61 -7.92 19.53
C SER A 226 12.92 -9.33 19.19
N THR A 227 13.45 -10.06 18.16
CA THR A 227 12.91 -11.44 17.89
C THR A 227 13.05 -12.39 19.10
N VAL A 228 14.15 -12.28 19.85
CA VAL A 228 14.33 -12.99 21.13
C VAL A 228 13.13 -12.81 22.06
N LEU A 229 12.61 -11.61 22.10
CA LEU A 229 11.40 -11.32 22.91
C LEU A 229 10.14 -11.96 22.38
N PHE A 230 9.97 -11.91 21.07
CA PHE A 230 8.89 -12.63 20.42
C PHE A 230 8.95 -14.11 20.73
N ASP A 231 10.16 -14.69 20.68
CA ASP A 231 10.26 -16.13 20.89
C ASP A 231 9.97 -16.60 22.33
N MET A 232 10.28 -15.74 23.31
CA MET A 232 10.22 -16.08 24.70
C MET A 232 8.86 -15.77 25.34
N TYR A 233 8.16 -14.72 24.91
CA TYR A 233 7.00 -14.18 25.59
C TYR A 233 5.76 -14.30 24.72
N PRO A 234 4.81 -15.18 25.06
CA PRO A 234 3.67 -15.43 24.14
C PRO A 234 2.69 -14.27 23.95
N ASN A 235 2.79 -13.21 24.74
CA ASN A 235 1.95 -12.04 24.56
C ASN A 235 2.61 -10.91 23.72
N VAL A 236 3.83 -11.13 23.25
CA VAL A 236 4.52 -10.12 22.47
C VAL A 236 4.16 -10.12 20.99
N ILE A 237 3.97 -8.91 20.48
CA ILE A 237 3.90 -8.62 19.07
C ILE A 237 5.00 -7.64 18.71
N ILE A 238 5.85 -8.04 17.77
CA ILE A 238 6.92 -7.17 17.30
C ILE A 238 6.49 -6.51 16.02
N VAL A 239 6.69 -5.19 15.93
CA VAL A 239 6.42 -4.50 14.68
C VAL A 239 7.66 -3.73 14.26
N LYS A 240 7.94 -3.67 12.95
CA LYS A 240 9.20 -3.04 12.47
C LYS A 240 9.04 -2.55 11.04
N SER A 241 9.37 -1.28 10.84
CA SER A 241 9.48 -0.71 9.54
C SER A 241 10.64 -1.37 8.83
N LEU A 242 10.49 -1.58 7.54
CA LEU A 242 11.68 -1.86 6.69
C LEU A 242 12.15 -0.64 5.89
N SER A 243 11.47 0.51 6.03
CA SER A 243 11.76 1.73 5.26
C SER A 243 12.69 2.76 5.96
N LYS A 244 12.65 2.82 7.26
CA LYS A 244 13.47 3.82 7.95
C LYS A 244 14.91 3.40 8.26
N ASP A 245 15.26 2.13 7.97
CA ASP A 245 16.63 1.65 8.17
C ASP A 245 17.22 1.16 6.84
N PHE A 246 16.59 0.18 6.19
CA PHE A 246 17.03 -0.23 4.83
C PHE A 246 16.75 0.90 3.83
N GLY A 247 16.02 1.94 4.29
CA GLY A 247 16.12 3.31 3.76
C GLY A 247 15.74 3.34 2.33
N ILE A 248 14.52 3.77 2.04
CA ILE A 248 13.92 3.61 0.72
C ILE A 248 12.56 4.26 0.76
N ALA A 249 12.58 5.57 0.59
CA ALA A 249 11.43 6.45 0.84
C ALA A 249 10.15 6.03 0.15
N GLY A 250 10.20 5.96 -1.19
CA GLY A 250 9.00 5.74 -2.00
C GLY A 250 8.52 4.31 -2.11
N VAL A 251 9.14 3.40 -1.33
CA VAL A 251 8.63 1.99 -1.17
C VAL A 251 8.33 1.73 0.31
N ARG A 252 7.10 1.40 0.61
CA ARG A 252 6.60 1.38 1.98
C ARG A 252 6.38 -0.04 2.45
N LEU A 253 7.22 -0.49 3.38
CA LEU A 253 7.22 -1.88 3.84
C LEU A 253 7.46 -1.98 5.33
N GLY A 254 6.72 -2.85 5.98
CA GLY A 254 7.01 -3.16 7.37
C GLY A 254 6.52 -4.54 7.64
N TYR A 255 6.95 -5.10 8.75
CA TYR A 255 6.42 -6.43 9.13
C TYR A 255 6.05 -6.46 10.62
N ALA A 256 5.31 -7.47 10.99
CA ALA A 256 5.02 -7.82 12.37
C ALA A 256 5.21 -9.30 12.60
N LEU A 257 5.61 -9.66 13.82
CA LEU A 257 5.64 -11.06 14.31
C LEU A 257 4.50 -11.16 15.35
N MET A 258 3.61 -12.10 15.12
CA MET A 258 2.45 -12.24 15.96
C MET A 258 1.89 -13.66 15.87
N ASP A 259 0.87 -13.90 16.65
CA ASP A 259 0.21 -15.21 16.72
C ASP A 259 -0.22 -15.66 15.32
N SER A 260 0.14 -16.86 14.91
CA SER A 260 -0.14 -17.31 13.55
C SER A 260 -1.62 -17.51 13.28
N ARG A 261 -2.37 -17.91 14.31
CA ARG A 261 -3.84 -18.04 14.22
C ARG A 261 -4.47 -16.68 13.83
N LYS A 262 -4.10 -15.64 14.58
CA LYS A 262 -4.53 -14.28 14.33
C LYS A 262 -4.13 -13.81 12.90
N ILE A 263 -2.89 -14.05 12.49
CA ILE A 263 -2.52 -13.73 11.07
C ILE A 263 -3.43 -14.48 10.08
N ASP A 264 -3.74 -15.75 10.38
CA ASP A 264 -4.56 -16.59 9.44
C ASP A 264 -5.91 -15.96 9.28
N ALA A 265 -6.48 -15.52 10.42
CA ALA A 265 -7.79 -14.85 10.47
C ALA A 265 -7.80 -13.53 9.70
N LEU A 266 -6.80 -12.69 9.94
CA LEU A 266 -6.68 -11.45 9.15
C LEU A 266 -6.57 -11.72 7.63
N LEU A 267 -5.81 -12.73 7.23
CA LEU A 267 -5.69 -13.14 5.84
C LEU A 267 -6.95 -13.83 5.26
N GLU A 268 -7.92 -14.18 6.12
CA GLU A 268 -9.27 -14.56 5.73
C GLU A 268 -10.27 -13.39 5.95
N HIS A 269 -10.28 -12.48 4.97
CA HIS A 269 -11.05 -11.21 5.01
C HIS A 269 -10.89 -10.18 3.84
N GLY A 270 -9.72 -10.00 3.21
CA GLY A 270 -8.51 -10.78 3.41
C GLY A 270 -7.39 -10.16 2.61
N PHE A 271 -7.43 -10.34 1.28
CA PHE A 271 -6.49 -9.68 0.37
C PHE A 271 -6.90 -8.21 0.22
N LEU A 272 -6.86 -7.55 1.38
CA LEU A 272 -7.00 -6.10 1.48
C LEU A 272 -5.64 -5.47 1.09
N TRP A 273 -4.60 -6.32 0.99
CA TRP A 273 -3.21 -5.88 0.81
C TRP A 273 -2.40 -6.67 -0.23
N ASN A 274 -1.72 -5.92 -1.09
CA ASN A 274 -0.83 -6.45 -2.06
C ASN A 274 0.45 -5.60 -2.03
N ILE A 275 1.61 -6.26 -2.05
CA ILE A 275 2.87 -5.56 -2.22
C ILE A 275 2.95 -5.09 -3.69
N ASN A 276 3.81 -4.14 -4.00
CA ASN A 276 3.97 -3.74 -5.40
C ASN A 276 5.24 -4.39 -5.89
N GLY A 277 5.52 -4.28 -7.18
CA GLY A 277 6.72 -4.91 -7.76
C GLY A 277 8.00 -4.47 -7.05
N ILE A 278 8.18 -3.18 -6.95
CA ILE A 278 9.46 -2.64 -6.43
C ILE A 278 9.60 -3.02 -4.97
N GLY A 279 8.49 -3.03 -4.22
CA GLY A 279 8.44 -3.46 -2.85
C GLY A 279 8.95 -4.88 -2.68
N GLU A 280 8.42 -5.78 -3.50
CA GLU A 280 8.86 -7.16 -3.52
C GLU A 280 10.31 -7.33 -3.81
N TYR A 281 10.83 -6.67 -4.86
CA TYR A 281 12.25 -6.70 -5.19
C TYR A 281 13.05 -6.35 -3.91
N CYS A 282 12.63 -5.29 -3.24
CA CYS A 282 13.39 -4.79 -2.09
C CYS A 282 13.33 -5.77 -0.94
N LEU A 283 12.16 -6.34 -0.76
CA LEU A 283 11.98 -7.33 0.31
C LEU A 283 12.92 -8.52 0.12
N ARG A 284 12.99 -9.01 -1.12
CA ARG A 284 13.83 -10.16 -1.44
C ARG A 284 15.31 -9.80 -1.41
N LEU A 285 15.63 -8.55 -1.73
CA LEU A 285 16.96 -8.07 -1.55
C LEU A 285 17.39 -8.11 -0.09
N PHE A 286 16.53 -7.56 0.75
CA PHE A 286 16.84 -7.29 2.17
C PHE A 286 17.16 -8.52 2.96
N VAL A 287 16.84 -9.70 2.42
CA VAL A 287 17.18 -10.98 3.09
C VAL A 287 18.26 -11.81 2.43
N ARG A 288 18.84 -11.32 1.34
CA ARG A 288 19.98 -12.01 0.74
C ARG A 288 21.20 -11.82 1.63
N GLU A 289 21.92 -12.90 1.86
CA GLU A 289 23.23 -12.92 2.52
C GLU A 289 24.23 -11.86 2.03
N ASP A 290 24.44 -11.80 0.73
CA ASP A 290 25.42 -10.90 0.13
C ASP A 290 25.03 -9.39 0.28
N PHE A 291 23.76 -9.08 0.09
CA PHE A 291 23.26 -7.76 0.39
C PHE A 291 23.45 -7.43 1.88
N LEU A 292 23.07 -8.36 2.76
CA LEU A 292 23.12 -8.11 4.21
C LEU A 292 24.52 -7.80 4.71
N LYS A 293 25.55 -8.42 4.08
CA LYS A 293 26.91 -8.08 4.41
C LYS A 293 27.24 -6.62 4.15
N ARG A 294 26.81 -6.08 3.01
CA ARG A 294 27.06 -4.71 2.72
C ARG A 294 26.14 -3.81 3.57
N TYR A 295 24.93 -4.25 3.82
CA TYR A 295 24.00 -3.48 4.62
C TYR A 295 24.55 -3.28 6.05
N GLU A 296 25.06 -4.33 6.60
CA GLU A 296 25.65 -4.24 7.92
C GLU A 296 26.77 -3.20 7.99
N GLU A 297 27.62 -3.14 6.95
CA GLU A 297 28.61 -2.11 6.91
C GLU A 297 27.97 -0.71 6.90
N ALA A 298 26.91 -0.49 6.13
CA ALA A 298 26.21 0.79 6.07
C ALA A 298 25.48 1.19 7.40
N ARG A 299 25.00 0.17 8.11
CA ARG A 299 24.31 0.37 9.39
C ARG A 299 25.34 0.83 10.43
N LYS A 300 26.47 0.13 10.53
CA LYS A 300 27.52 0.51 11.43
C LYS A 300 28.18 1.85 11.12
N GLN A 301 28.34 2.14 9.83
CA GLN A 301 28.84 3.42 9.39
C GLN A 301 27.91 4.54 9.82
N TYR A 302 26.62 4.33 9.61
CA TYR A 302 25.62 5.30 10.05
C TYR A 302 25.58 5.50 11.59
N ILE A 303 25.64 4.44 12.37
CA ILE A 303 25.71 4.61 13.81
C ILE A 303 26.96 5.41 14.22
N LYS A 304 28.09 5.14 13.56
CA LYS A 304 29.33 5.88 13.88
C LYS A 304 29.17 7.34 13.55
N GLU A 305 28.52 7.65 12.43
CA GLU A 305 28.27 9.01 12.15
C GLU A 305 27.29 9.69 13.13
N MET A 306 26.16 9.03 13.45
CA MET A 306 25.20 9.54 14.43
C MET A 306 25.93 9.90 15.74
N CYS A 307 26.78 9.02 16.21
CA CYS A 307 27.59 9.30 17.42
C CYS A 307 28.40 10.59 17.24
N ARG A 308 29.02 10.74 16.08
CA ARG A 308 29.80 11.96 15.79
C ARG A 308 28.95 13.23 15.72
N PHE A 309 27.81 13.15 15.03
CA PHE A 309 26.87 14.18 15.00
C PHE A 309 26.40 14.59 16.45
N LYS A 310 25.99 13.63 17.25
CA LYS A 310 25.54 13.93 18.63
C LYS A 310 26.62 14.63 19.45
N GLU A 311 27.85 14.18 19.33
CA GLU A 311 28.96 14.77 20.01
C GLU A 311 29.16 16.21 19.52
N ALA A 312 29.00 16.43 18.22
CA ALA A 312 29.19 17.75 17.68
C ALA A 312 28.08 18.70 18.18
N LEU A 313 26.86 18.18 18.28
CA LEU A 313 25.74 18.96 18.76
C LEU A 313 25.94 19.34 20.20
N LEU A 314 26.55 18.44 21.00
CA LEU A 314 26.80 18.69 22.43
C LEU A 314 27.74 19.86 22.62
N GLY A 315 28.54 20.11 21.61
CA GLY A 315 29.44 21.24 21.55
C GLY A 315 28.76 22.59 21.44
N ILE A 316 27.47 22.65 21.10
CA ILE A 316 26.75 23.91 20.97
C ILE A 316 26.28 24.33 22.37
N GLU A 317 26.71 25.50 22.78
CA GLU A 317 26.52 25.89 24.18
C GLU A 317 25.03 25.98 24.59
N ASN A 318 24.22 26.80 23.91
CA ASN A 318 22.82 26.98 24.36
C ASN A 318 21.84 26.05 23.60
N VAL A 319 22.02 24.75 23.70
CA VAL A 319 20.96 23.79 23.36
C VAL A 319 21.18 22.66 24.31
N TYR A 320 20.12 21.89 24.55
CA TYR A 320 20.24 20.61 25.23
C TYR A 320 19.88 19.51 24.25
N VAL A 321 20.75 18.50 24.17
CA VAL A 321 20.59 17.39 23.26
C VAL A 321 20.12 16.17 24.06
N TYR A 322 18.95 15.65 23.74
CA TYR A 322 18.45 14.49 24.50
C TYR A 322 19.13 13.24 24.09
N PRO A 323 19.43 12.32 25.04
CA PRO A 323 20.18 11.13 24.67
C PRO A 323 19.38 10.33 23.68
N SER A 324 20.05 9.67 22.75
CA SER A 324 19.39 8.96 21.68
C SER A 324 20.21 7.76 21.19
N MET A 325 19.48 6.70 20.81
CA MET A 325 20.04 5.57 20.07
C MET A 325 19.23 5.30 18.83
N ALA A 326 18.76 6.36 18.23
CA ALA A 326 17.98 6.23 17.00
C ALA A 326 18.71 6.96 15.86
N ASN A 327 18.04 7.19 14.74
CA ASN A 327 18.61 7.94 13.64
C ASN A 327 18.11 9.37 13.57
N PHE A 328 17.85 9.91 14.76
CA PHE A 328 17.45 11.27 14.92
C PHE A 328 17.82 11.67 16.37
N VAL A 329 17.87 12.96 16.57
CA VAL A 329 18.17 13.59 17.85
C VAL A 329 17.11 14.68 18.04
N MET A 330 16.66 14.86 19.28
CA MET A 330 15.78 15.93 19.69
C MET A 330 16.61 16.91 20.53
N LEU A 331 16.44 18.19 20.19
CA LEU A 331 17.18 19.31 20.78
C LEU A 331 16.21 20.27 21.49
N LYS A 332 16.48 20.66 22.72
CA LYS A 332 15.73 21.73 23.37
C LYS A 332 16.46 23.05 23.22
N LEU A 333 15.77 24.02 22.66
CA LEU A 333 16.32 25.31 22.35
C LEU A 333 16.34 26.16 23.62
N PRO A 334 17.20 27.19 23.61
CA PRO A 334 17.35 27.99 24.80
C PRO A 334 16.08 28.69 25.10
N SER A 335 15.97 29.15 26.33
CA SER A 335 14.77 29.88 26.67
C SER A 335 14.81 31.21 25.92
N ARG A 336 13.60 31.65 25.62
CA ARG A 336 13.36 32.80 24.79
C ARG A 336 13.59 32.54 23.30
N ILE A 337 13.90 31.32 22.89
CA ILE A 337 14.06 31.07 21.44
C ILE A 337 12.95 30.12 21.04
N LYS A 338 12.15 30.46 20.03
CA LYS A 338 11.09 29.60 19.54
C LYS A 338 11.65 28.63 18.51
N ALA A 339 11.11 27.42 18.47
CA ALA A 339 11.45 26.48 17.39
C ALA A 339 11.20 27.13 16.02
N SER A 340 10.12 27.87 15.89
CA SER A 340 9.75 28.57 14.59
C SER A 340 10.84 29.52 14.05
N PHE A 341 11.47 30.26 14.96
CA PHE A 341 12.60 31.10 14.65
C PHE A 341 13.75 30.29 14.07
N VAL A 342 14.08 29.18 14.71
CA VAL A 342 15.18 28.33 14.30
C VAL A 342 14.85 27.65 13.00
N ILE A 343 13.66 27.09 12.88
CA ILE A 343 13.22 26.43 11.64
C ILE A 343 13.21 27.34 10.40
N SER A 344 12.74 28.59 10.57
CA SER A 344 12.74 29.55 9.50
C SER A 344 14.16 30.00 9.11
N ALA A 345 15.02 30.22 10.07
CA ALA A 345 16.37 30.62 9.72
C ALA A 345 17.13 29.50 9.02
N LEU A 346 16.94 28.25 9.47
CA LEU A 346 17.55 27.11 8.81
C LEU A 346 17.09 27.01 7.36
N LEU A 347 15.79 27.19 7.12
CA LEU A 347 15.29 27.10 5.73
C LEU A 347 15.87 28.26 4.87
N VAL A 348 15.66 29.47 5.35
CA VAL A 348 15.90 30.66 4.52
C VAL A 348 17.40 30.82 4.29
N GLU A 349 18.18 30.66 5.32
CA GLU A 349 19.57 31.05 5.28
C GLU A 349 20.44 29.86 4.84
N TYR A 350 19.98 28.64 5.07
CA TYR A 350 20.81 27.45 4.79
C TYR A 350 20.20 26.34 3.98
N GLY A 351 18.93 26.49 3.60
CA GLY A 351 18.18 25.41 2.99
C GLY A 351 18.04 24.09 3.79
N ILE A 352 18.05 24.18 5.10
CA ILE A 352 17.96 22.99 5.96
C ILE A 352 16.58 22.92 6.55
N TYR A 353 15.85 21.79 6.32
CA TYR A 353 14.52 21.53 6.95
C TYR A 353 14.60 20.57 8.14
N VAL A 354 14.12 21.02 9.31
CA VAL A 354 14.04 20.16 10.50
C VAL A 354 12.60 20.23 11.03
N ARG A 355 12.25 19.32 11.95
CA ARG A 355 10.86 19.08 12.34
C ARG A 355 10.62 19.73 13.70
N THR A 356 9.65 20.62 13.77
CA THR A 356 9.22 21.11 15.08
C THR A 356 8.65 20.02 16.00
N MET A 357 8.84 20.22 17.31
CA MET A 357 8.11 19.39 18.31
C MET A 357 6.90 20.07 18.94
N ALA A 358 6.58 21.28 18.46
CA ALA A 358 5.46 22.08 18.99
C ALA A 358 4.12 21.36 18.96
N ASP A 359 3.90 20.48 18.00
CA ASP A 359 2.63 19.79 17.89
C ASP A 359 2.58 18.41 18.56
N LYS A 360 3.58 18.07 19.34
CA LYS A 360 3.67 16.74 19.94
C LYS A 360 3.43 16.89 21.37
N ILE A 361 2.32 16.35 21.87
CA ILE A 361 1.92 16.59 23.27
C ILE A 361 2.84 15.83 24.17
N GLY A 362 3.28 16.49 25.23
CA GLY A 362 4.19 15.88 26.16
C GLY A 362 5.61 16.30 26.00
N VAL A 363 5.92 16.96 24.89
CA VAL A 363 7.27 17.51 24.69
C VAL A 363 7.35 18.94 25.29
N GLU A 364 8.09 19.07 26.37
CA GLU A 364 8.25 20.32 27.08
C GLU A 364 9.16 21.29 26.32
N GLY A 365 8.83 22.56 26.48
CA GLY A 365 9.58 23.63 25.91
C GLY A 365 9.58 23.60 24.41
N GLU A 366 10.58 24.24 23.82
CA GLU A 366 10.62 24.48 22.38
C GLU A 366 11.71 23.57 21.79
N CYS A 367 11.32 22.52 21.06
CA CYS A 367 12.24 21.47 20.62
C CYS A 367 12.13 21.28 19.14
N ILE A 368 13.23 20.75 18.58
CA ILE A 368 13.26 20.31 17.21
C ILE A 368 13.82 18.87 17.14
N ARG A 369 13.32 18.11 16.20
CA ARG A 369 13.85 16.77 15.91
C ARG A 369 14.62 16.82 14.62
N ILE A 370 15.90 16.39 14.67
CA ILE A 370 16.75 16.41 13.47
C ILE A 370 17.19 15.00 13.09
N ALA A 371 16.89 14.59 11.86
CA ALA A 371 17.31 13.28 11.39
C ALA A 371 18.80 13.31 11.06
N GLY A 372 19.52 12.26 11.35
CA GLY A 372 20.96 12.22 11.12
C GLY A 372 21.14 11.97 9.65
N ARG A 373 21.99 12.77 9.01
CA ARG A 373 22.29 12.64 7.58
C ARG A 373 23.71 12.08 7.30
N THR A 374 24.31 12.43 6.17
CA THR A 374 25.65 12.06 5.88
C THR A 374 26.56 12.96 6.73
N ARG A 375 27.84 12.62 6.79
CA ARG A 375 28.80 13.44 7.52
C ARG A 375 28.82 14.87 7.04
N GLU A 376 28.81 15.08 5.71
CA GLU A 376 28.86 16.44 5.14
C GLU A 376 27.62 17.24 5.52
N GLU A 377 26.47 16.60 5.41
CA GLU A 377 25.22 17.26 5.75
C GLU A 377 25.16 17.55 7.24
N ASN A 378 25.57 16.62 8.10
CA ASN A 378 25.57 16.88 9.52
C ASN A 378 26.43 18.07 9.84
N ASN A 379 27.58 18.21 9.18
CA ASN A 379 28.47 19.33 9.50
C ASN A 379 27.76 20.64 9.20
N CYS A 380 27.05 20.70 8.07
CA CYS A 380 26.29 21.88 7.67
C CYS A 380 25.19 22.24 8.70
N ILE A 381 24.52 21.23 9.18
CA ILE A 381 23.52 21.44 10.22
C ILE A 381 24.16 22.00 11.49
N VAL A 382 25.26 21.42 11.94
CA VAL A 382 25.86 21.86 13.16
C VAL A 382 26.31 23.36 13.01
N MET A 383 26.94 23.62 11.88
CA MET A 383 27.42 24.97 11.54
C MET A 383 26.28 25.97 11.55
N ALA A 384 25.23 25.67 10.78
CA ALA A 384 24.02 26.47 10.73
C ALA A 384 23.42 26.75 12.08
N LEU A 385 23.20 25.71 12.88
CA LEU A 385 22.72 25.90 14.27
C LEU A 385 23.59 26.79 15.14
N LYS A 386 24.90 26.65 15.02
CA LYS A 386 25.80 27.39 15.92
C LYS A 386 25.67 28.91 15.64
N SER A 387 25.62 29.23 14.37
CA SER A 387 25.49 30.57 13.90
C SER A 387 24.12 31.19 14.24
N ILE A 388 23.04 30.47 13.96
CA ILE A 388 21.69 30.89 14.32
C ILE A 388 21.50 31.06 15.80
N LEU A 389 22.12 30.22 16.62
CA LEU A 389 21.95 30.29 18.07
C LEU A 389 23.04 31.07 18.82
N LYS A 390 23.94 31.71 18.09
CA LYS A 390 24.96 32.56 18.71
C LYS A 390 24.21 33.68 19.45
N ASP A 391 24.54 34.01 20.70
CA ASP A 391 23.84 35.17 21.33
C ASP A 391 23.96 36.48 20.48
N SER A 392 25.17 37.00 20.25
CA SER A 392 25.55 37.66 18.94
C SER A 392 25.64 39.20 18.80
N LYS A 393 25.79 39.60 17.53
CA LYS A 393 25.99 40.99 17.04
C LYS A 393 27.27 41.48 17.65
N ASN B 10 -1.82 -38.39 -15.62
CA ASN B 10 -1.20 -37.37 -14.67
C ASN B 10 -1.78 -37.45 -13.28
N THR B 11 -2.28 -38.62 -12.91
CA THR B 11 -3.10 -38.70 -11.73
C THR B 11 -2.36 -38.15 -10.57
N GLN B 12 -1.12 -38.59 -10.43
CA GLN B 12 -0.43 -38.29 -9.20
C GLN B 12 -0.28 -36.78 -9.06
N PHE B 13 0.23 -36.14 -10.12
CA PHE B 13 0.39 -34.69 -10.22
C PHE B 13 -0.91 -33.97 -9.84
N THR B 14 -2.02 -34.35 -10.48
CA THR B 14 -3.35 -33.77 -10.20
C THR B 14 -3.80 -33.86 -8.73
N LYS B 15 -3.44 -34.94 -8.03
CA LYS B 15 -3.76 -35.10 -6.59
C LYS B 15 -2.94 -34.17 -5.71
N ALA B 16 -1.64 -34.14 -6.02
CA ALA B 16 -0.68 -33.31 -5.31
C ALA B 16 -1.04 -31.85 -5.44
N PHE B 17 -1.42 -31.51 -6.67
CA PHE B 17 -1.84 -30.17 -7.12
C PHE B 17 -2.97 -29.67 -6.20
N HIS B 18 -3.98 -30.50 -5.98
CA HIS B 18 -5.04 -30.26 -4.97
C HIS B 18 -4.53 -30.30 -3.50
N ALA B 19 -3.57 -31.16 -3.23
CA ALA B 19 -2.80 -31.09 -1.97
C ALA B 19 -1.97 -29.82 -1.92
N MET B 37 4.78 -27.77 -5.52
CA MET B 37 5.75 -28.71 -5.00
C MET B 37 6.37 -29.59 -6.07
N PHE B 38 6.53 -29.02 -7.27
CA PHE B 38 7.21 -29.65 -8.40
C PHE B 38 8.16 -28.58 -8.93
N PRO B 39 9.46 -28.64 -8.54
CA PRO B 39 10.44 -27.74 -9.16
C PRO B 39 10.99 -28.24 -10.52
N THR B 40 10.78 -29.49 -10.86
CA THR B 40 10.95 -29.88 -12.27
C THR B 40 10.05 -28.99 -13.16
N LEU B 41 8.94 -28.51 -12.60
CA LEU B 41 7.92 -27.78 -13.37
C LEU B 41 8.27 -26.33 -13.67
N GLU B 42 8.37 -26.05 -14.96
CA GLU B 42 8.54 -24.68 -15.42
C GLU B 42 7.22 -24.12 -15.92
N ILE B 43 6.77 -22.99 -15.41
CA ILE B 43 5.64 -22.28 -16.06
C ILE B 43 6.16 -21.30 -17.14
N LYS B 44 5.83 -21.56 -18.40
CA LYS B 44 6.25 -20.72 -19.53
C LYS B 44 5.21 -19.67 -19.94
N ILE B 45 3.92 -19.99 -19.83
CA ILE B 45 2.85 -19.00 -20.12
C ILE B 45 1.91 -18.98 -18.95
N ASP B 46 1.90 -17.86 -18.24
CA ASP B 46 0.93 -17.63 -17.14
C ASP B 46 -0.33 -16.96 -17.70
N ALA B 47 -1.43 -17.73 -17.92
CA ALA B 47 -2.67 -17.16 -18.48
C ALA B 47 -3.75 -17.03 -17.42
N CYS B 48 -3.34 -16.80 -16.17
CA CYS B 48 -4.22 -16.54 -15.03
C CYS B 48 -4.47 -15.09 -14.81
N TYR B 49 -3.41 -14.33 -14.76
CA TYR B 49 -3.49 -12.92 -14.54
C TYR B 49 -3.89 -12.14 -15.77
N LEU B 50 -4.58 -11.03 -15.55
CA LEU B 50 -5.12 -10.18 -16.62
C LEU B 50 -4.24 -8.97 -17.06
N SER B 51 -4.03 -8.81 -18.35
CA SER B 51 -3.30 -7.64 -18.80
C SER B 51 -3.61 -7.24 -20.26
N ASN B 52 -2.88 -6.26 -20.77
CA ASN B 52 -2.82 -5.98 -22.17
C ASN B 52 -1.33 -5.80 -22.49
N PRO B 53 -0.72 -6.81 -23.16
CA PRO B 53 0.71 -6.68 -23.51
C PRO B 53 1.02 -5.56 -24.45
N TYR B 54 0.09 -5.11 -25.31
CA TYR B 54 0.45 -3.95 -26.15
C TYR B 54 0.45 -2.68 -25.34
N ALA B 55 -0.40 -2.62 -24.30
CA ALA B 55 -0.43 -1.48 -23.40
C ALA B 55 0.80 -1.48 -22.51
N SER B 56 1.18 -2.63 -21.93
CA SER B 56 2.47 -2.75 -21.21
C SER B 56 3.65 -2.23 -21.98
N GLU B 57 3.87 -2.74 -23.20
CA GLU B 57 4.98 -2.30 -24.03
C GLU B 57 5.00 -0.80 -24.23
N LEU B 58 3.78 -0.25 -24.41
CA LEU B 58 3.67 1.17 -24.63
C LEU B 58 4.06 1.93 -23.38
N VAL B 59 3.55 1.51 -22.23
CA VAL B 59 3.82 2.20 -20.99
C VAL B 59 5.29 2.14 -20.72
N LEU B 60 5.86 0.99 -20.92
CA LEU B 60 7.30 0.79 -20.66
C LEU B 60 8.18 1.64 -21.59
N ASP B 61 7.73 1.88 -22.80
CA ASP B 61 8.44 2.79 -23.74
C ASP B 61 8.51 4.14 -23.12
N TYR B 62 7.36 4.65 -22.62
CA TYR B 62 7.31 5.96 -21.96
C TYR B 62 8.17 5.97 -20.73
N ILE B 63 8.15 4.87 -19.96
CA ILE B 63 8.92 4.84 -18.74
C ILE B 63 10.40 4.92 -19.00
N ASP B 64 10.88 4.16 -19.98
CA ASP B 64 12.26 4.19 -20.38
C ASP B 64 12.74 5.59 -20.90
N ARG B 65 11.98 6.19 -21.83
CA ARG B 65 12.27 7.55 -22.27
C ARG B 65 12.24 8.57 -21.14
N GLU B 66 11.17 8.58 -20.36
CA GLU B 66 10.93 9.67 -19.42
C GLU B 66 11.57 9.51 -18.03
N LEU B 67 11.78 8.28 -17.58
CA LEU B 67 12.34 7.98 -16.24
C LEU B 67 13.72 7.29 -16.19
N ILE B 68 13.95 6.31 -17.06
CA ILE B 68 15.22 5.53 -17.05
C ILE B 68 16.35 6.28 -17.79
N GLN B 69 16.07 6.77 -19.00
CA GLN B 69 17.07 7.51 -19.79
C GLN B 69 17.38 8.95 -19.30
N THR B 70 16.73 9.39 -18.21
CA THR B 70 17.03 10.65 -17.51
C THR B 70 17.33 10.41 -16.01
N ASN B 71 17.51 9.17 -15.62
CA ASN B 71 17.76 8.80 -14.18
C ASN B 71 16.72 9.23 -13.10
N ALA B 72 15.65 9.97 -13.45
CA ALA B 72 14.53 10.18 -12.49
C ALA B 72 13.92 8.83 -12.19
N TYR B 73 14.18 8.29 -11.01
CA TYR B 73 13.47 7.13 -10.54
C TYR B 73 13.87 6.88 -9.12
N GLN B 84 -1.09 14.14 -1.38
CA GLN B 84 -1.96 13.00 -1.72
C GLN B 84 -3.36 13.43 -2.18
N ARG B 85 -4.04 14.31 -1.46
CA ARG B 85 -5.30 14.92 -2.00
C ARG B 85 -5.19 15.57 -3.39
N SER B 86 -4.08 16.24 -3.65
CA SER B 86 -3.81 16.81 -4.96
C SER B 86 -3.88 15.79 -6.13
N LEU B 87 -3.79 14.49 -5.86
CA LEU B 87 -3.97 13.49 -6.96
C LEU B 87 -5.42 13.51 -7.56
N GLN B 88 -6.39 13.98 -6.78
CA GLN B 88 -7.74 14.17 -7.29
C GLN B 88 -7.78 15.06 -8.54
N LYS B 89 -6.94 16.09 -8.62
CA LYS B 89 -6.95 17.04 -9.77
C LYS B 89 -6.39 16.43 -11.06
N VAL B 90 -5.47 15.45 -10.92
CA VAL B 90 -4.76 14.78 -12.06
C VAL B 90 -5.74 14.38 -13.14
N MET B 91 -6.68 13.57 -12.76
CA MET B 91 -7.60 12.95 -13.68
C MET B 91 -8.85 13.75 -14.03
N ALA B 92 -9.16 14.78 -13.21
CA ALA B 92 -10.45 15.48 -13.33
C ALA B 92 -10.70 16.05 -14.74
N GLU B 93 -9.71 16.77 -15.30
CA GLU B 93 -9.89 17.28 -16.67
C GLU B 93 -10.16 16.22 -17.75
N SER B 94 -9.39 15.14 -17.77
CA SER B 94 -9.61 14.07 -18.78
C SER B 94 -10.96 13.36 -18.60
N LEU B 95 -11.32 13.07 -17.35
CA LEU B 95 -12.61 12.47 -17.02
C LEU B 95 -13.83 13.35 -17.19
N HIS B 96 -13.62 14.69 -17.27
CA HIS B 96 -14.67 15.70 -17.26
C HIS B 96 -15.54 15.66 -15.99
N VAL B 97 -14.89 15.54 -14.84
CA VAL B 97 -15.54 15.62 -13.58
C VAL B 97 -14.78 16.57 -12.73
N LYS B 98 -15.40 16.98 -11.67
CA LYS B 98 -14.75 17.68 -10.58
C LYS B 98 -13.79 16.81 -9.82
N PRO B 99 -12.71 17.40 -9.36
CA PRO B 99 -11.78 16.65 -8.57
C PRO B 99 -12.37 16.15 -7.28
N GLU B 100 -13.39 16.86 -6.75
CA GLU B 100 -14.14 16.42 -5.56
C GLU B 100 -14.86 15.10 -5.68
N ASN B 101 -15.12 14.63 -6.91
CA ASN B 101 -15.80 13.38 -7.10
C ASN B 101 -14.87 12.17 -7.32
N ILE B 102 -13.57 12.40 -7.25
CA ILE B 102 -12.59 11.37 -7.58
C ILE B 102 -11.94 10.82 -6.29
N PHE B 103 -12.06 9.52 -6.16
CA PHE B 103 -11.34 8.72 -5.16
C PHE B 103 -10.26 7.81 -5.84
N ILE B 104 -9.05 7.86 -5.32
CA ILE B 104 -7.88 7.16 -5.86
C ILE B 104 -7.57 6.07 -4.83
N GLY B 105 -7.34 4.86 -5.28
CA GLY B 105 -6.90 3.79 -4.39
C GLY B 105 -5.96 2.86 -5.12
N ASN B 106 -5.75 1.71 -4.49
CA ASN B 106 -4.86 0.67 -4.98
C ASN B 106 -5.44 -0.31 -5.99
N GLY B 107 -6.71 -0.19 -6.31
CA GLY B 107 -7.31 -1.10 -7.21
C GLY B 107 -8.79 -1.06 -7.12
N ALA B 108 -9.46 -1.64 -8.10
CA ALA B 108 -10.91 -1.64 -8.10
C ALA B 108 -11.50 -2.41 -6.88
N THR B 109 -11.04 -3.65 -6.67
CA THR B 109 -11.58 -4.52 -5.61
C THR B 109 -11.39 -3.91 -4.21
N GLU B 110 -10.21 -3.31 -4.00
CA GLU B 110 -9.83 -2.66 -2.74
C GLU B 110 -10.78 -1.52 -2.47
N ILE B 111 -11.18 -0.76 -3.51
CA ILE B 111 -12.12 0.34 -3.30
C ILE B 111 -13.52 -0.21 -2.96
N ILE B 112 -13.96 -1.27 -3.62
CA ILE B 112 -15.25 -1.89 -3.37
C ILE B 112 -15.26 -2.52 -1.99
N GLN B 113 -14.14 -3.09 -1.60
CA GLN B 113 -14.03 -3.57 -0.21
C GLN B 113 -14.27 -2.42 0.77
N MET B 114 -13.58 -1.31 0.59
CA MET B 114 -13.85 -0.11 1.38
C MET B 114 -15.34 0.29 1.44
N LEU B 115 -15.98 0.33 0.28
CA LEU B 115 -17.40 0.68 0.22
C LEU B 115 -18.30 -0.30 0.95
N LEU B 116 -18.07 -1.57 0.71
CA LEU B 116 -18.96 -2.60 1.23
C LEU B 116 -18.77 -2.83 2.72
N GLN B 117 -17.63 -2.41 3.27
CA GLN B 117 -17.36 -2.53 4.71
C GLN B 117 -18.10 -1.54 5.54
N GLN B 118 -18.64 -0.47 4.94
CA GLN B 118 -19.24 0.62 5.71
C GLN B 118 -20.52 0.18 6.41
N GLU B 119 -20.78 0.77 7.56
CA GLU B 119 -21.87 0.36 8.44
C GLU B 119 -23.23 0.38 7.77
N GLU B 120 -23.46 1.40 6.95
CA GLU B 120 -24.73 1.53 6.21
C GLU B 120 -25.05 0.32 5.33
N VAL B 121 -24.04 -0.49 5.00
CA VAL B 121 -24.22 -1.61 4.09
C VAL B 121 -24.72 -2.85 4.84
N GLN B 122 -26.02 -3.13 4.74
CA GLN B 122 -26.66 -4.20 5.51
C GLN B 122 -27.31 -5.29 4.69
N LYS B 123 -27.66 -4.97 3.44
CA LYS B 123 -28.14 -5.93 2.47
C LYS B 123 -27.61 -5.52 1.04
N VAL B 124 -26.93 -6.46 0.38
CA VAL B 124 -26.25 -6.21 -0.90
C VAL B 124 -26.81 -7.22 -1.85
N ALA B 125 -27.06 -6.80 -3.07
CA ALA B 125 -27.43 -7.72 -4.19
C ALA B 125 -26.31 -7.81 -5.23
N LEU B 126 -25.89 -9.04 -5.54
CA LEU B 126 -24.88 -9.35 -6.52
C LEU B 126 -25.37 -10.33 -7.55
N MET B 127 -24.71 -10.37 -8.70
CA MET B 127 -24.88 -11.45 -9.63
C MET B 127 -23.99 -12.66 -9.23
N ILE B 128 -24.36 -13.83 -9.73
CA ILE B 128 -23.48 -15.01 -9.79
C ILE B 128 -23.43 -15.49 -11.22
N PRO B 129 -22.24 -15.91 -11.77
CA PRO B 129 -20.95 -15.92 -11.15
C PRO B 129 -20.27 -14.58 -11.20
N THR B 130 -19.55 -14.30 -10.12
CA THR B 130 -18.65 -13.23 -10.10
C THR B 130 -17.30 -13.85 -9.69
N PHE B 131 -16.18 -13.22 -10.02
CA PHE B 131 -14.86 -13.71 -9.68
C PHE B 131 -14.48 -13.32 -8.24
N SER B 132 -14.61 -12.07 -7.87
CA SER B 132 -14.24 -11.66 -6.50
C SER B 132 -15.26 -12.04 -5.44
N SER B 133 -14.78 -12.09 -4.21
CA SER B 133 -15.57 -12.59 -3.07
C SER B 133 -16.06 -11.45 -2.22
N TYR B 134 -17.15 -10.83 -2.70
CA TYR B 134 -17.61 -9.60 -2.10
C TYR B 134 -18.22 -9.97 -0.76
N TYR B 135 -18.72 -11.20 -0.62
CA TYR B 135 -19.33 -11.61 0.64
C TYR B 135 -18.32 -11.42 1.80
N GLU B 136 -17.04 -11.67 1.56
CA GLU B 136 -16.00 -11.45 2.58
C GLU B 136 -15.85 -9.99 3.02
N PHE B 137 -16.30 -9.01 2.21
CA PHE B 137 -16.01 -7.59 2.49
C PHE B 137 -17.06 -6.95 3.39
N VAL B 138 -18.25 -7.55 3.47
CA VAL B 138 -19.32 -6.88 4.18
C VAL B 138 -19.22 -7.24 5.65
N GLY B 139 -19.89 -6.46 6.49
CA GLY B 139 -19.79 -6.63 7.93
C GLY B 139 -20.56 -7.85 8.45
N LYS B 140 -20.43 -8.13 9.74
CA LYS B 140 -21.20 -9.17 10.40
C LYS B 140 -22.70 -8.88 10.32
N GLY B 141 -23.47 -9.90 9.94
CA GLY B 141 -24.90 -9.77 9.80
C GLY B 141 -25.33 -8.85 8.65
N CYS B 142 -24.44 -8.63 7.66
CA CYS B 142 -24.89 -8.09 6.38
C CYS B 142 -25.35 -9.30 5.55
N GLU B 143 -26.55 -9.20 5.00
CA GLU B 143 -27.05 -10.24 4.12
C GLU B 143 -26.65 -9.91 2.67
N VAL B 144 -26.32 -10.93 1.89
CA VAL B 144 -26.01 -10.77 0.46
C VAL B 144 -26.99 -11.71 -0.29
N VAL B 145 -27.69 -11.19 -1.30
CA VAL B 145 -28.58 -11.99 -2.11
C VAL B 145 -28.03 -11.95 -3.52
N TYR B 146 -28.29 -13.02 -4.26
CA TYR B 146 -27.67 -13.22 -5.52
C TYR B 146 -28.70 -13.57 -6.62
N PHE B 147 -28.53 -12.91 -7.78
CA PHE B 147 -29.33 -13.16 -8.95
C PHE B 147 -28.43 -13.92 -9.93
N PRO B 148 -28.91 -15.07 -10.47
CA PRO B 148 -28.02 -15.83 -11.35
C PRO B 148 -28.07 -15.39 -12.76
N LEU B 149 -26.91 -15.25 -13.35
CA LEU B 149 -26.80 -15.05 -14.75
C LEU B 149 -27.09 -16.42 -15.41
N ASN B 150 -27.58 -16.37 -16.65
CA ASN B 150 -28.11 -17.53 -17.32
C ASN B 150 -27.12 -18.12 -18.33
N GLU B 151 -26.52 -19.23 -17.93
CA GLU B 151 -25.54 -19.94 -18.78
C GLU B 151 -26.12 -20.28 -20.14
N ARG B 152 -27.37 -20.72 -20.10
CA ARG B 152 -28.11 -21.04 -21.33
C ARG B 152 -28.29 -19.82 -22.28
N ASP B 153 -28.22 -18.61 -21.75
CA ASP B 153 -28.23 -17.42 -22.61
C ASP B 153 -26.88 -16.69 -22.55
N ASP B 154 -25.79 -17.46 -22.46
CA ASP B 154 -24.46 -16.94 -22.60
C ASP B 154 -24.13 -15.99 -21.48
N TYR B 155 -24.69 -16.30 -20.30
CA TYR B 155 -24.65 -15.50 -19.03
C TYR B 155 -25.15 -14.05 -19.14
N SER B 156 -26.05 -13.82 -20.09
CA SER B 156 -26.90 -12.63 -20.08
C SER B 156 -27.98 -12.92 -19.02
N PHE B 157 -28.88 -11.99 -18.84
CA PHE B 157 -30.00 -12.13 -17.91
C PHE B 157 -31.21 -11.30 -18.41
N ASP B 158 -32.38 -11.66 -17.97
CA ASP B 158 -33.62 -10.91 -18.21
C ASP B 158 -33.64 -9.69 -17.32
N ALA B 159 -33.54 -8.54 -17.97
CA ALA B 159 -33.47 -7.25 -17.28
C ALA B 159 -34.69 -6.96 -16.39
N ASP B 160 -35.87 -7.33 -16.88
CA ASP B 160 -37.10 -7.10 -16.16
C ASP B 160 -37.11 -7.99 -14.90
N LYS B 161 -36.77 -9.25 -15.05
CA LYS B 161 -36.68 -10.19 -13.91
C LYS B 161 -35.63 -9.74 -12.88
N TYR B 162 -34.48 -9.29 -13.34
CA TYR B 162 -33.46 -8.81 -12.38
C TYR B 162 -33.99 -7.62 -11.59
N CYS B 163 -34.56 -6.63 -12.29
CA CYS B 163 -35.11 -5.45 -11.61
C CYS B 163 -36.24 -5.83 -10.63
N GLN B 164 -37.07 -6.83 -11.00
CA GLN B 164 -38.10 -7.30 -10.09
C GLN B 164 -37.46 -7.89 -8.82
N PHE B 165 -36.37 -8.62 -9.01
CA PHE B 165 -35.60 -9.16 -7.87
C PHE B 165 -35.11 -8.07 -6.90
N ILE B 166 -34.55 -6.98 -7.45
CA ILE B 166 -34.09 -5.89 -6.63
C ILE B 166 -35.29 -5.18 -5.95
N GLU B 167 -36.37 -4.95 -6.69
CA GLU B 167 -37.58 -4.38 -6.13
C GLU B 167 -38.10 -5.22 -4.95
N ASN B 168 -38.16 -6.54 -5.11
CA ASN B 168 -38.63 -7.41 -4.04
C ASN B 168 -37.59 -7.57 -2.92
N GLU B 169 -36.29 -7.63 -3.22
CA GLU B 169 -35.32 -7.79 -2.16
C GLU B 169 -35.00 -6.52 -1.39
N GLN B 170 -35.13 -5.33 -2.01
CA GLN B 170 -34.83 -4.04 -1.36
C GLN B 170 -33.40 -3.94 -0.75
N PRO B 171 -32.37 -4.30 -1.54
CA PRO B 171 -31.01 -4.17 -1.00
C PRO B 171 -30.69 -2.69 -0.80
N ASP B 172 -29.75 -2.35 0.05
CA ASP B 172 -29.35 -0.95 0.09
C ASP B 172 -28.23 -0.67 -0.93
N THR B 173 -27.55 -1.71 -1.40
CA THR B 173 -26.40 -1.60 -2.28
C THR B 173 -26.43 -2.71 -3.34
N VAL B 174 -26.15 -2.32 -4.58
CA VAL B 174 -26.10 -3.27 -5.68
C VAL B 174 -24.70 -3.13 -6.21
N VAL B 175 -24.10 -4.24 -6.59
CA VAL B 175 -22.83 -4.26 -7.31
C VAL B 175 -22.95 -4.91 -8.70
N LEU B 176 -22.54 -4.18 -9.73
CA LEU B 176 -22.56 -4.70 -11.09
C LEU B 176 -21.13 -4.64 -11.64
N ILE B 177 -20.63 -5.71 -12.23
CA ILE B 177 -19.27 -5.70 -12.83
C ILE B 177 -19.57 -5.70 -14.30
N ASN B 178 -19.09 -4.71 -15.06
CA ASN B 178 -19.52 -4.61 -16.49
C ASN B 178 -18.35 -4.05 -17.32
N PRO B 179 -17.71 -4.84 -18.18
CA PRO B 179 -17.96 -6.30 -18.43
C PRO B 179 -17.78 -7.17 -17.21
N ASN B 180 -18.54 -8.26 -17.18
CA ASN B 180 -18.48 -9.15 -15.99
C ASN B 180 -17.26 -10.04 -15.96
N ASN B 181 -16.81 -10.44 -14.77
CA ASN B 181 -15.66 -11.38 -14.62
C ASN B 181 -16.30 -12.49 -13.88
N PRO B 182 -16.22 -13.74 -14.36
CA PRO B 182 -15.24 -14.29 -15.23
C PRO B 182 -15.64 -14.56 -16.72
N ASN B 183 -16.88 -14.34 -17.07
CA ASN B 183 -17.37 -14.73 -18.42
C ASN B 183 -17.15 -13.65 -19.47
N GLY B 184 -17.07 -12.42 -19.01
CA GLY B 184 -16.67 -11.30 -19.87
C GLY B 184 -17.75 -10.56 -20.59
N ALA B 185 -18.98 -10.96 -20.45
CA ALA B 185 -20.04 -10.34 -21.22
C ALA B 185 -20.27 -8.84 -20.80
N TYR B 186 -20.67 -8.00 -21.75
CA TYR B 186 -20.86 -6.53 -21.55
C TYR B 186 -22.31 -6.08 -21.84
N LEU B 187 -22.96 -5.39 -20.89
CA LEU B 187 -24.23 -4.70 -21.09
C LEU B 187 -24.02 -3.28 -21.67
N SER B 188 -24.70 -3.00 -22.80
CA SER B 188 -24.54 -1.78 -23.60
C SER B 188 -24.98 -0.61 -22.76
N LEU B 189 -24.54 0.60 -23.13
CA LEU B 189 -24.98 1.77 -22.34
C LEU B 189 -26.48 1.96 -22.36
N GLU B 190 -27.08 1.78 -23.55
CA GLU B 190 -28.52 1.88 -23.66
C GLU B 190 -29.23 0.98 -22.66
N LYS B 191 -28.77 -0.24 -22.53
CA LYS B 191 -29.39 -1.19 -21.63
C LYS B 191 -29.16 -0.81 -20.18
N MET B 192 -28.00 -0.27 -19.89
CA MET B 192 -27.67 0.08 -18.49
C MET B 192 -28.54 1.26 -18.07
N HIS B 193 -28.75 2.21 -19.00
CA HIS B 193 -29.66 3.35 -18.74
C HIS B 193 -31.03 2.87 -18.26
N ILE B 194 -31.54 1.84 -18.92
CA ILE B 194 -32.89 1.31 -18.61
C ILE B 194 -32.88 0.76 -17.20
N LEU B 195 -31.90 -0.06 -16.88
CA LEU B 195 -31.74 -0.63 -15.55
C LEU B 195 -31.68 0.46 -14.51
N LEU B 196 -30.82 1.43 -14.73
CA LEU B 196 -30.50 2.38 -13.67
C LEU B 196 -31.66 3.30 -13.40
N LYS B 197 -32.38 3.66 -14.47
CA LYS B 197 -33.64 4.41 -14.30
C LYS B 197 -34.60 3.70 -13.42
N ARG B 198 -34.83 2.42 -13.69
CA ARG B 198 -35.77 1.68 -12.87
C ARG B 198 -35.31 1.47 -11.39
N LEU B 199 -34.00 1.43 -11.16
CA LEU B 199 -33.48 1.16 -9.82
C LEU B 199 -32.99 2.39 -9.12
N ALA B 200 -33.57 3.54 -9.45
CA ALA B 200 -33.28 4.79 -8.80
C ALA B 200 -33.59 4.82 -7.32
N PHE B 201 -34.40 3.87 -6.82
CA PHE B 201 -34.67 3.78 -5.38
C PHE B 201 -33.53 3.22 -4.53
N VAL B 202 -32.57 2.52 -5.14
CA VAL B 202 -31.50 1.89 -4.36
C VAL B 202 -30.51 2.98 -3.89
N PRO B 203 -30.12 3.03 -2.60
CA PRO B 203 -29.14 4.08 -2.17
C PRO B 203 -27.74 4.04 -2.91
N ARG B 204 -27.24 2.84 -3.21
CA ARG B 204 -25.97 2.70 -3.87
C ARG B 204 -25.95 1.67 -4.96
N ILE B 205 -25.49 2.09 -6.14
CA ILE B 205 -25.28 1.19 -7.23
C ILE B 205 -23.88 1.37 -7.68
N ILE B 206 -23.07 0.39 -7.38
CA ILE B 206 -21.63 0.37 -7.69
C ILE B 206 -21.37 -0.41 -8.97
N ILE B 207 -20.77 0.23 -10.00
CA ILE B 207 -20.44 -0.42 -11.25
C ILE B 207 -18.96 -0.41 -11.43
N ASP B 208 -18.35 -1.60 -11.45
CA ASP B 208 -16.94 -1.79 -11.72
C ASP B 208 -16.75 -2.00 -13.25
N GLU B 209 -16.12 -1.00 -13.89
CA GLU B 209 -15.91 -1.03 -15.33
C GLU B 209 -14.49 -1.33 -15.69
N SER B 210 -13.84 -2.11 -14.84
CA SER B 210 -12.42 -2.41 -15.00
C SER B 210 -12.03 -2.93 -16.38
N PHE B 211 -12.94 -3.65 -17.02
CA PHE B 211 -12.64 -4.28 -18.30
C PHE B 211 -13.21 -3.55 -19.55
N ILE B 212 -13.76 -2.37 -19.34
CA ILE B 212 -14.62 -1.71 -20.36
C ILE B 212 -13.79 -1.29 -21.59
N HIS B 213 -12.48 -1.13 -21.44
CA HIS B 213 -11.62 -0.78 -22.56
C HIS B 213 -11.58 -1.83 -23.65
N PHE B 214 -11.98 -3.07 -23.34
CA PHE B 214 -11.98 -4.17 -24.28
C PHE B 214 -13.35 -4.35 -24.94
N ALA B 215 -14.32 -3.54 -24.53
CA ALA B 215 -15.67 -3.63 -25.08
C ALA B 215 -15.84 -2.64 -26.21
N TYR B 216 -16.90 -2.85 -26.98
CA TYR B 216 -17.17 -1.94 -28.15
C TYR B 216 -18.66 -1.99 -28.45
N GLU B 217 -19.22 -0.86 -28.84
CA GLU B 217 -20.62 -0.76 -29.31
C GLU B 217 -20.71 -0.34 -30.81
N ASP B 218 -19.57 -0.22 -31.50
CA ASP B 218 -19.54 0.14 -32.94
C ASP B 218 -18.31 -0.49 -33.58
N GLU B 219 -18.41 -0.68 -34.89
CA GLU B 219 -17.34 -1.24 -35.70
C GLU B 219 -16.07 -0.42 -35.57
N ALA B 220 -16.18 0.89 -35.34
CA ALA B 220 -15.00 1.73 -35.22
C ALA B 220 -14.22 1.54 -33.90
N LEU B 221 -14.81 0.81 -32.94
CA LEU B 221 -14.17 0.59 -31.63
C LEU B 221 -13.93 1.87 -30.89
N THR B 222 -14.94 2.69 -30.80
CA THR B 222 -14.86 3.90 -30.00
C THR B 222 -14.74 3.48 -28.56
N CYS B 223 -13.86 4.15 -27.81
CA CYS B 223 -13.63 3.77 -26.43
C CYS B 223 -14.84 4.10 -25.61
N LEU B 224 -15.35 3.13 -24.86
CA LEU B 224 -16.50 3.31 -23.99
C LEU B 224 -16.10 3.83 -22.61
N SER B 225 -17.02 4.52 -21.97
CA SER B 225 -16.83 4.98 -20.56
C SER B 225 -18.13 5.01 -19.80
N SER B 226 -18.11 4.58 -18.56
CA SER B 226 -19.37 4.66 -17.75
C SER B 226 -19.53 6.04 -17.00
N THR B 227 -18.63 6.97 -17.25
CA THR B 227 -18.68 8.25 -16.53
C THR B 227 -20.09 8.89 -16.68
N VAL B 228 -20.74 8.71 -17.83
CA VAL B 228 -22.06 9.27 -18.10
C VAL B 228 -23.12 8.78 -17.12
N LEU B 229 -22.93 7.55 -16.65
CA LEU B 229 -23.84 6.98 -15.69
C LEU B 229 -23.61 7.58 -14.30
N PHE B 230 -22.37 7.87 -13.94
CA PHE B 230 -22.11 8.57 -12.71
C PHE B 230 -22.86 9.92 -12.75
N ASP B 231 -22.69 10.63 -13.86
CA ASP B 231 -23.29 11.95 -14.01
C ASP B 231 -24.84 11.98 -13.93
N MET B 232 -25.48 11.05 -14.61
CA MET B 232 -26.91 11.08 -14.80
C MET B 232 -27.67 10.44 -13.64
N TYR B 233 -27.03 9.59 -12.82
CA TYR B 233 -27.77 8.86 -11.79
C TYR B 233 -27.18 9.09 -10.40
N PRO B 234 -27.93 9.79 -9.50
CA PRO B 234 -27.32 10.18 -8.24
C PRO B 234 -26.87 9.00 -7.40
N ASN B 235 -27.46 7.82 -7.53
CA ASN B 235 -27.06 6.67 -6.72
C ASN B 235 -25.84 5.90 -7.23
N VAL B 236 -25.33 6.28 -8.40
CA VAL B 236 -24.29 5.51 -9.08
C VAL B 236 -22.90 5.90 -8.56
N ILE B 237 -22.09 4.89 -8.27
CA ILE B 237 -20.66 4.97 -8.05
C ILE B 237 -19.95 4.18 -9.12
N ILE B 238 -18.95 4.73 -9.76
CA ILE B 238 -18.15 4.00 -10.75
C ILE B 238 -16.84 3.63 -10.11
N VAL B 239 -16.36 2.40 -10.31
CA VAL B 239 -15.02 2.02 -9.90
C VAL B 239 -14.31 1.51 -11.13
N LYS B 240 -13.01 1.73 -11.19
CA LYS B 240 -12.20 1.26 -12.32
C LYS B 240 -10.78 1.02 -12.01
N SER B 241 -10.31 -0.18 -12.33
CA SER B 241 -8.88 -0.44 -12.26
C SER B 241 -8.09 0.41 -13.27
N LEU B 242 -6.89 0.84 -12.88
CA LEU B 242 -5.95 1.38 -13.87
C LEU B 242 -4.77 0.36 -14.23
N SER B 243 -4.80 -0.86 -13.69
CA SER B 243 -3.74 -1.86 -13.99
C SER B 243 -4.06 -2.96 -14.98
N LYS B 244 -5.31 -3.35 -15.16
CA LYS B 244 -5.59 -4.50 -15.98
C LYS B 244 -5.64 -4.12 -17.45
N ASP B 245 -5.93 -2.86 -17.74
CA ASP B 245 -6.02 -2.41 -19.11
C ASP B 245 -4.72 -1.77 -19.50
N PHE B 246 -4.13 -1.00 -18.60
CA PHE B 246 -2.83 -0.36 -18.91
C PHE B 246 -1.58 -1.28 -18.78
N GLY B 247 -1.76 -2.50 -18.26
CA GLY B 247 -0.71 -3.56 -18.27
C GLY B 247 0.46 -3.34 -17.31
N ILE B 248 0.13 -2.80 -16.13
CA ILE B 248 1.09 -2.51 -15.09
C ILE B 248 0.72 -3.27 -13.82
N ALA B 249 0.75 -4.60 -13.91
CA ALA B 249 0.34 -5.42 -12.71
C ALA B 249 1.24 -5.22 -11.50
N GLY B 250 2.46 -4.76 -11.68
CA GLY B 250 3.30 -4.43 -10.51
C GLY B 250 3.10 -3.12 -9.81
N VAL B 251 2.11 -2.36 -10.26
CA VAL B 251 1.84 -1.07 -9.71
C VAL B 251 0.39 -1.21 -9.27
N ARG B 252 0.02 -0.73 -8.11
CA ARG B 252 -1.36 -0.96 -7.75
C ARG B 252 -2.11 0.33 -7.93
N LEU B 253 -3.10 0.38 -8.83
CA LEU B 253 -3.80 1.61 -9.06
C LEU B 253 -5.22 1.48 -9.53
N GLY B 254 -6.10 2.28 -8.96
CA GLY B 254 -7.47 2.36 -9.43
C GLY B 254 -8.09 3.66 -8.94
N TYR B 255 -9.30 3.90 -9.45
CA TYR B 255 -10.07 5.08 -9.04
C TYR B 255 -11.57 4.78 -8.96
N ALA B 256 -12.34 5.70 -8.34
CA ALA B 256 -13.76 5.69 -8.35
C ALA B 256 -14.31 7.10 -8.48
N LEU B 257 -15.49 7.19 -9.05
CA LEU B 257 -16.31 8.40 -9.07
C LEU B 257 -17.40 8.22 -8.04
N MET B 258 -17.52 9.16 -7.11
CA MET B 258 -18.46 9.08 -6.01
C MET B 258 -18.93 10.48 -5.60
N ASP B 259 -19.98 10.53 -4.84
CA ASP B 259 -20.49 11.74 -4.25
C ASP B 259 -19.36 12.38 -3.41
N SER B 260 -19.13 13.68 -3.57
CA SER B 260 -18.02 14.29 -2.84
C SER B 260 -18.16 14.24 -1.31
N ARG B 261 -19.36 14.36 -0.77
CA ARG B 261 -19.54 14.23 0.72
C ARG B 261 -19.17 12.80 1.21
N LYS B 262 -19.46 11.82 0.36
CA LYS B 262 -19.13 10.39 0.62
C LYS B 262 -17.60 10.25 0.69
N ILE B 263 -16.89 10.83 -0.28
CA ILE B 263 -15.46 10.82 -0.25
C ILE B 263 -14.94 11.50 1.03
N ASP B 264 -15.51 12.64 1.39
CA ASP B 264 -15.01 13.33 2.60
C ASP B 264 -15.14 12.42 3.84
N ALA B 265 -16.24 11.71 3.96
CA ALA B 265 -16.50 10.90 5.16
C ALA B 265 -15.59 9.69 5.19
N LEU B 266 -15.30 9.11 4.03
CA LEU B 266 -14.27 8.08 3.92
C LEU B 266 -12.91 8.62 4.30
N LEU B 267 -12.57 9.80 3.83
CA LEU B 267 -11.30 10.37 4.26
C LEU B 267 -11.25 10.69 5.77
N GLU B 268 -12.37 11.05 6.39
CA GLU B 268 -12.39 11.25 7.87
C GLU B 268 -12.20 9.93 8.64
N HIS B 269 -12.73 8.86 8.09
CA HIS B 269 -12.53 7.52 8.66
C HIS B 269 -11.20 6.84 8.27
N GLY B 270 -10.28 7.58 7.66
CA GLY B 270 -8.87 7.15 7.58
C GLY B 270 -8.47 6.52 6.26
N PHE B 271 -9.31 6.65 5.22
CA PHE B 271 -9.12 5.95 3.92
C PHE B 271 -8.37 6.75 2.86
N LEU B 272 -7.74 7.85 3.26
CA LEU B 272 -6.92 8.61 2.33
C LEU B 272 -5.88 7.66 1.73
N TRP B 273 -5.61 7.84 0.45
CA TRP B 273 -4.73 6.96 -0.27
C TRP B 273 -3.34 7.49 -0.06
N ASN B 274 -2.34 6.69 -0.42
CA ASN B 274 -1.14 7.36 -0.97
C ASN B 274 -0.40 6.49 -1.85
N ILE B 275 -0.24 6.96 -3.06
CA ILE B 275 0.30 6.09 -4.02
C ILE B 275 1.74 6.57 -4.04
N ASN B 276 2.65 5.65 -4.31
CA ASN B 276 4.07 6.01 -4.49
C ASN B 276 4.28 6.86 -5.73
N GLY B 277 5.54 7.23 -5.96
CA GLY B 277 5.95 7.97 -7.13
C GLY B 277 5.74 7.24 -8.45
N ILE B 278 5.88 5.92 -8.45
CA ILE B 278 5.66 5.14 -9.72
C ILE B 278 4.20 5.17 -10.11
N GLY B 279 3.35 4.89 -9.13
CA GLY B 279 1.93 5.00 -9.24
C GLY B 279 1.47 6.36 -9.72
N GLU B 280 2.06 7.40 -9.11
CA GLU B 280 1.83 8.79 -9.45
C GLU B 280 2.24 9.14 -10.87
N TYR B 281 3.48 8.79 -11.28
CA TYR B 281 3.94 8.92 -12.68
C TYR B 281 2.89 8.31 -13.62
N CYS B 282 2.40 7.11 -13.28
CA CYS B 282 1.51 6.38 -14.17
C CYS B 282 0.18 7.06 -14.23
N LEU B 283 -0.36 7.48 -13.07
CA LEU B 283 -1.64 8.18 -13.02
C LEU B 283 -1.65 9.42 -13.96
N ARG B 284 -0.59 10.20 -13.87
CA ARG B 284 -0.41 11.34 -14.74
C ARG B 284 -0.21 10.97 -16.22
N LEU B 285 0.53 9.91 -16.52
CA LEU B 285 0.72 9.48 -17.89
C LEU B 285 -0.57 9.09 -18.61
N PHE B 286 -1.40 8.35 -17.90
CA PHE B 286 -2.60 7.77 -18.44
C PHE B 286 -3.67 8.76 -18.84
N VAL B 287 -3.57 9.99 -18.34
CA VAL B 287 -4.50 11.02 -18.77
C VAL B 287 -3.90 11.97 -19.82
N ARG B 288 -2.65 11.75 -20.24
CA ARG B 288 -1.98 12.68 -21.12
C ARG B 288 -2.47 12.41 -22.52
N GLU B 289 -2.76 13.49 -23.24
CA GLU B 289 -3.35 13.35 -24.60
C GLU B 289 -2.39 12.66 -25.57
N ASP B 290 -1.07 12.89 -25.47
CA ASP B 290 -0.11 12.31 -26.44
C ASP B 290 0.02 10.80 -26.20
N PHE B 291 0.01 10.43 -24.92
CA PHE B 291 -0.04 9.02 -24.54
C PHE B 291 -1.30 8.35 -25.04
N LEU B 292 -2.46 8.92 -24.71
CA LEU B 292 -3.75 8.36 -25.09
C LEU B 292 -3.91 8.12 -26.59
N LYS B 293 -3.38 9.01 -27.45
CA LYS B 293 -3.46 8.80 -28.89
C LYS B 293 -2.77 7.49 -29.20
N ARG B 294 -1.65 7.25 -28.54
CA ARG B 294 -0.90 6.01 -28.81
C ARG B 294 -1.62 4.84 -28.12
N TYR B 295 -2.06 5.03 -26.89
CA TYR B 295 -2.82 3.97 -26.19
C TYR B 295 -4.06 3.46 -26.94
N GLU B 296 -4.75 4.35 -27.63
CA GLU B 296 -5.94 3.99 -28.37
C GLU B 296 -5.66 2.96 -29.42
N GLU B 297 -4.49 2.99 -30.02
CA GLU B 297 -4.13 2.00 -31.01
C GLU B 297 -3.75 0.71 -30.37
N ALA B 298 -3.03 0.76 -29.24
CA ALA B 298 -2.69 -0.44 -28.49
C ALA B 298 -3.98 -1.14 -28.00
N ARG B 299 -4.95 -0.34 -27.57
CA ARG B 299 -6.23 -0.86 -27.04
C ARG B 299 -7.04 -1.58 -28.14
N LYS B 300 -7.21 -0.92 -29.27
CA LYS B 300 -7.98 -1.49 -30.46
C LYS B 300 -7.30 -2.70 -31.10
N GLN B 301 -5.97 -2.65 -31.13
CA GLN B 301 -5.14 -3.82 -31.53
C GLN B 301 -5.42 -5.00 -30.63
N TYR B 302 -5.47 -4.77 -29.32
CA TYR B 302 -5.79 -5.89 -28.41
C TYR B 302 -7.21 -6.44 -28.51
N ILE B 303 -8.20 -5.58 -28.70
CA ILE B 303 -9.52 -6.05 -28.98
C ILE B 303 -9.52 -6.99 -30.18
N LYS B 304 -8.82 -6.60 -31.23
CA LYS B 304 -8.75 -7.41 -32.44
C LYS B 304 -8.07 -8.71 -32.19
N GLU B 305 -7.01 -8.72 -31.35
CA GLU B 305 -6.35 -9.97 -30.99
C GLU B 305 -7.23 -10.84 -30.13
N MET B 306 -7.99 -10.23 -29.20
CA MET B 306 -8.99 -10.97 -28.39
C MET B 306 -10.04 -11.66 -29.26
N CYS B 307 -10.50 -10.99 -30.30
CA CYS B 307 -11.47 -11.56 -31.24
C CYS B 307 -10.81 -12.71 -32.04
N ARG B 308 -9.56 -12.56 -32.47
CA ARG B 308 -8.83 -13.64 -33.24
C ARG B 308 -8.59 -14.88 -32.31
N PHE B 309 -8.16 -14.61 -31.08
CA PHE B 309 -7.95 -15.66 -30.07
C PHE B 309 -9.26 -16.46 -29.82
N LYS B 310 -10.35 -15.75 -29.67
CA LYS B 310 -11.66 -16.35 -29.40
C LYS B 310 -12.13 -17.31 -30.52
N GLU B 311 -11.99 -16.85 -31.75
CA GLU B 311 -12.44 -17.61 -32.91
C GLU B 311 -11.56 -18.83 -33.05
N ALA B 312 -10.28 -18.69 -32.76
CA ALA B 312 -9.38 -19.82 -32.80
C ALA B 312 -9.71 -20.86 -31.73
N LEU B 313 -10.14 -20.39 -30.55
CA LEU B 313 -10.61 -21.25 -29.46
C LEU B 313 -11.89 -21.94 -29.84
N LEU B 314 -12.83 -21.19 -30.39
CA LEU B 314 -14.08 -21.76 -30.92
C LEU B 314 -13.89 -22.83 -32.02
N GLY B 315 -12.75 -22.81 -32.70
CA GLY B 315 -12.42 -23.87 -33.66
C GLY B 315 -11.98 -25.22 -33.03
N ILE B 316 -11.87 -25.28 -31.71
CA ILE B 316 -11.57 -26.53 -31.03
C ILE B 316 -12.85 -27.31 -30.92
N GLU B 317 -12.81 -28.54 -31.42
CA GLU B 317 -13.99 -29.42 -31.34
C GLU B 317 -14.43 -29.69 -29.90
N ASN B 318 -15.74 -29.69 -29.69
CA ASN B 318 -16.35 -30.03 -28.40
C ASN B 318 -16.14 -29.06 -27.24
N VAL B 319 -15.51 -27.91 -27.49
CA VAL B 319 -15.54 -26.85 -26.48
C VAL B 319 -16.45 -25.71 -26.92
N TYR B 320 -16.96 -24.99 -25.95
CA TYR B 320 -17.60 -23.73 -26.24
C TYR B 320 -16.88 -22.55 -25.51
N VAL B 321 -16.85 -21.38 -26.13
CA VAL B 321 -16.29 -20.20 -25.51
C VAL B 321 -17.38 -19.20 -25.40
N TYR B 322 -17.69 -18.77 -24.15
CA TYR B 322 -18.78 -17.81 -23.93
C TYR B 322 -18.41 -16.42 -24.52
N PRO B 323 -19.41 -15.64 -24.95
CA PRO B 323 -19.14 -14.30 -25.51
C PRO B 323 -18.45 -13.41 -24.49
N SER B 324 -17.48 -12.66 -24.96
CA SER B 324 -16.63 -11.84 -24.09
C SER B 324 -16.24 -10.55 -24.73
N MET B 325 -16.27 -9.48 -23.92
CA MET B 325 -15.72 -8.18 -24.33
C MET B 325 -14.75 -7.77 -23.22
N ALA B 326 -13.95 -8.75 -22.77
CA ALA B 326 -12.88 -8.51 -21.80
C ALA B 326 -11.55 -9.02 -22.34
N ASN B 327 -10.50 -8.81 -21.56
CA ASN B 327 -9.19 -9.37 -21.85
C ASN B 327 -8.99 -10.81 -21.29
N PHE B 328 -10.08 -11.58 -21.25
CA PHE B 328 -10.12 -12.98 -20.87
C PHE B 328 -11.33 -13.59 -21.53
N VAL B 329 -11.33 -14.93 -21.55
CA VAL B 329 -12.47 -15.73 -22.02
C VAL B 329 -12.65 -16.93 -21.05
N MET B 330 -13.86 -17.47 -21.06
CA MET B 330 -14.26 -18.62 -20.22
C MET B 330 -14.75 -19.63 -21.23
N LEU B 331 -14.11 -20.79 -21.12
CA LEU B 331 -14.25 -21.96 -21.97
C LEU B 331 -14.86 -23.11 -21.14
N LYS B 332 -15.92 -23.71 -21.71
CA LYS B 332 -16.61 -24.86 -21.18
C LYS B 332 -16.06 -26.07 -21.87
N LEU B 333 -15.59 -27.00 -21.06
CA LEU B 333 -14.87 -28.19 -21.51
C LEU B 333 -15.86 -29.30 -21.97
N PRO B 334 -15.39 -30.24 -22.81
CA PRO B 334 -16.28 -31.29 -23.36
C PRO B 334 -16.90 -32.18 -22.34
N SER B 335 -17.93 -32.91 -22.75
CA SER B 335 -18.56 -33.93 -21.86
C SER B 335 -17.51 -34.79 -21.13
N ARG B 336 -17.68 -35.06 -19.84
CA ARG B 336 -16.78 -35.86 -19.01
C ARG B 336 -15.34 -35.37 -18.81
N ILE B 337 -15.01 -34.13 -19.12
CA ILE B 337 -13.61 -33.69 -18.88
C ILE B 337 -13.65 -32.77 -17.69
N LYS B 338 -12.74 -32.98 -16.75
CA LYS B 338 -12.62 -32.17 -15.57
C LYS B 338 -11.67 -31.04 -15.86
N ALA B 339 -11.93 -29.85 -15.32
CA ALA B 339 -10.98 -28.73 -15.42
C ALA B 339 -9.62 -29.11 -14.89
N SER B 340 -9.63 -29.85 -13.78
CA SER B 340 -8.35 -30.25 -13.17
C SER B 340 -7.50 -31.13 -14.12
N PHE B 341 -8.12 -31.97 -14.95
CA PHE B 341 -7.39 -32.77 -15.90
C PHE B 341 -6.71 -31.86 -16.91
N VAL B 342 -7.45 -30.88 -17.40
CA VAL B 342 -7.01 -30.01 -18.48
C VAL B 342 -5.92 -29.06 -17.93
N ILE B 343 -6.15 -28.53 -16.77
CA ILE B 343 -5.18 -27.72 -16.09
C ILE B 343 -3.90 -28.43 -15.86
N SER B 344 -3.94 -29.66 -15.36
CA SER B 344 -2.68 -30.41 -15.11
C SER B 344 -1.97 -30.74 -16.44
N ALA B 345 -2.73 -31.13 -17.47
CA ALA B 345 -2.11 -31.46 -18.75
C ALA B 345 -1.43 -30.20 -19.32
N LEU B 346 -2.12 -29.09 -19.24
CA LEU B 346 -1.55 -27.81 -19.68
C LEU B 346 -0.25 -27.48 -18.95
N LEU B 347 -0.19 -27.68 -17.66
CA LEU B 347 1.02 -27.32 -16.93
C LEU B 347 2.18 -28.29 -17.23
N VAL B 348 1.89 -29.58 -17.22
CA VAL B 348 2.93 -30.62 -17.34
C VAL B 348 3.44 -30.71 -18.74
N GLU B 349 2.54 -30.60 -19.72
CA GLU B 349 2.88 -30.89 -21.10
C GLU B 349 3.35 -29.64 -21.90
N TYR B 350 2.89 -28.45 -21.49
CA TYR B 350 3.13 -27.22 -22.22
C TYR B 350 3.58 -26.06 -21.36
N GLY B 351 3.63 -26.23 -20.05
CA GLY B 351 3.99 -25.16 -19.13
C GLY B 351 3.01 -23.98 -19.21
N ILE B 352 1.73 -24.25 -19.51
CA ILE B 352 0.70 -23.18 -19.51
C ILE B 352 -0.19 -23.26 -18.30
N TYR B 353 -0.42 -22.13 -17.63
CA TYR B 353 -1.25 -22.08 -16.43
C TYR B 353 -2.52 -21.31 -16.75
N VAL B 354 -3.66 -21.94 -16.60
CA VAL B 354 -4.99 -21.27 -16.71
C VAL B 354 -5.75 -21.43 -15.37
N ARG B 355 -6.85 -20.70 -15.23
CA ARG B 355 -7.62 -20.63 -13.97
C ARG B 355 -8.88 -21.45 -14.01
N THR B 356 -8.95 -22.44 -13.10
CA THR B 356 -10.18 -23.21 -12.87
C THR B 356 -11.34 -22.34 -12.51
N MET B 357 -12.56 -22.70 -12.95
CA MET B 357 -13.80 -22.08 -12.48
C MET B 357 -14.48 -22.87 -11.36
N ALA B 358 -13.85 -23.94 -10.88
CA ALA B 358 -14.56 -24.90 -9.95
C ALA B 358 -14.95 -24.25 -8.64
N ASP B 359 -14.18 -23.25 -8.24
CA ASP B 359 -14.42 -22.54 -6.99
C ASP B 359 -15.32 -21.34 -7.16
N LYS B 360 -15.89 -21.11 -8.36
CA LYS B 360 -16.72 -19.91 -8.60
C LYS B 360 -18.20 -20.27 -8.76
N ILE B 361 -18.92 -20.07 -7.68
CA ILE B 361 -20.32 -20.44 -7.61
C ILE B 361 -21.08 -19.71 -8.72
N GLY B 362 -21.92 -20.47 -9.39
CA GLY B 362 -22.68 -20.03 -10.54
C GLY B 362 -22.13 -20.26 -11.91
N VAL B 363 -20.90 -20.76 -12.02
CA VAL B 363 -20.39 -21.24 -13.29
C VAL B 363 -20.80 -22.72 -13.41
N GLU B 364 -21.66 -22.99 -14.37
CA GLU B 364 -22.08 -24.34 -14.60
C GLU B 364 -21.03 -25.15 -15.35
N GLY B 365 -21.00 -26.46 -15.07
CA GLY B 365 -20.07 -27.34 -15.75
C GLY B 365 -18.63 -27.12 -15.29
N GLU B 366 -17.73 -27.65 -16.11
CA GLU B 366 -16.31 -27.65 -15.88
C GLU B 366 -15.72 -26.60 -16.85
N CYS B 367 -15.25 -25.48 -16.30
CA CYS B 367 -14.79 -24.37 -17.12
C CYS B 367 -13.42 -23.89 -16.67
N ILE B 368 -12.75 -23.17 -17.60
CA ILE B 368 -11.53 -22.46 -17.34
C ILE B 368 -11.64 -21.04 -17.82
N ARG B 369 -10.97 -20.14 -17.11
CA ARG B 369 -10.76 -18.78 -17.56
C ARG B 369 -9.38 -18.65 -18.08
N ILE B 370 -9.26 -18.19 -19.32
CA ILE B 370 -7.99 -18.00 -19.95
C ILE B 370 -7.81 -16.51 -20.18
N ALA B 371 -6.75 -15.95 -19.62
CA ALA B 371 -6.39 -14.57 -19.86
C ALA B 371 -5.80 -14.43 -21.27
N GLY B 372 -6.15 -13.36 -21.96
CA GLY B 372 -5.44 -13.01 -23.19
C GLY B 372 -3.95 -12.80 -22.95
N ARG B 373 -3.12 -13.34 -23.85
CA ARG B 373 -1.70 -13.10 -23.84
C ARG B 373 -1.26 -12.46 -25.20
N THR B 374 0.03 -12.54 -25.53
CA THR B 374 0.52 -12.08 -26.82
C THR B 374 0.03 -13.04 -27.94
N ARG B 375 0.24 -12.64 -29.17
CA ARG B 375 -0.23 -13.42 -30.32
C ARG B 375 0.27 -14.82 -30.33
N GLU B 376 1.58 -14.89 -30.08
CA GLU B 376 2.40 -16.09 -30.04
C GLU B 376 1.93 -17.02 -28.92
N GLU B 377 1.77 -16.44 -27.74
CA GLU B 377 1.21 -17.15 -26.61
C GLU B 377 -0.22 -17.63 -26.78
N ASN B 378 -1.09 -16.80 -27.34
CA ASN B 378 -2.42 -17.22 -27.65
C ASN B 378 -2.45 -18.42 -28.58
N ASN B 379 -1.61 -18.40 -29.61
CA ASN B 379 -1.53 -19.56 -30.52
C ASN B 379 -1.10 -20.83 -29.82
N CYS B 380 -0.12 -20.72 -28.93
CA CYS B 380 0.35 -21.82 -28.16
C CYS B 380 -0.76 -22.42 -27.29
N ILE B 381 -1.60 -21.55 -26.67
CA ILE B 381 -2.72 -22.05 -25.87
C ILE B 381 -3.73 -22.80 -26.72
N VAL B 382 -4.04 -22.23 -27.88
CA VAL B 382 -5.00 -22.88 -28.77
C VAL B 382 -4.45 -24.27 -29.22
N MET B 383 -3.17 -24.31 -29.61
CA MET B 383 -2.54 -25.53 -30.10
C MET B 383 -2.54 -26.55 -28.94
N ALA B 384 -2.15 -26.14 -27.73
CA ALA B 384 -2.14 -27.04 -26.55
C ALA B 384 -3.50 -27.66 -26.22
N LEU B 385 -4.52 -26.85 -26.14
CA LEU B 385 -5.85 -27.32 -25.86
C LEU B 385 -6.36 -28.23 -26.92
N LYS B 386 -6.10 -27.91 -28.18
CA LYS B 386 -6.56 -28.80 -29.28
C LYS B 386 -5.99 -30.18 -29.11
N SER B 387 -4.70 -30.20 -28.82
CA SER B 387 -3.96 -31.44 -28.63
C SER B 387 -4.53 -32.21 -27.44
N ILE B 388 -4.57 -31.53 -26.28
CA ILE B 388 -5.08 -32.16 -25.05
C ILE B 388 -6.48 -32.73 -25.21
N LEU B 389 -7.33 -32.02 -25.90
CA LEU B 389 -8.76 -32.39 -25.95
C LEU B 389 -9.10 -33.33 -27.11
N LYS B 390 -8.11 -33.64 -27.96
CA LYS B 390 -8.36 -34.49 -29.09
C LYS B 390 -8.33 -35.90 -28.56
#